data_3GGR
#
_entry.id   3GGR
#
_cell.length_a   71.029
_cell.length_b   67.164
_cell.length_c   83.405
_cell.angle_alpha   90.00
_cell.angle_beta   97.58
_cell.angle_gamma   90.00
#
_symmetry.space_group_name_H-M   'P 1 21 1'
#
loop_
_entity.id
_entity.type
_entity.pdbx_description
1 polymer 'Cell cycle checkpoint control protein RAD9A'
2 polymer 'Checkpoint protein HUS1'
3 polymer 'Cell cycle checkpoint protein RAD1'
#
loop_
_entity_poly.entity_id
_entity_poly.type
_entity_poly.pdbx_seq_one_letter_code
_entity_poly.pdbx_strand_id
1 'polypeptide(L)'
;MKCLVTGGNVKVLGKAVHSLSRIGDELYLEPLEDGLSLRTVNSSRSAYACFLFAPLFFQQYQAATPGQDLLRCKILMKSF
LSVFRSLAMLEKTVEKCCISLNGRSSRLVVQLHCKFGVRKTHNLSFQDCESLQAVFDPASCPHMLRAPARVLGEAVLPFS
PALAEVTLGIGRGRRVILRSYHEEEADSTAKAMVTEMCLGEEDFQQLQAQEGVAITFCLKEFRGLLSFAESANLNLSIHF
DAPGRPAIFTIKDSLLDGHFVLATLSDTDS
;
A
2 'polypeptide(L)'
;MHHHHHHKFRAKIVDGACLNHFTRISNMIAKLAKTCTLRISPDKLNFILCDKLANGGVSMWCELEQENFFNEFQMEGVSA
ENNEIYLELTSENLSRALKTAQNARALKIKLTNKHFPCLTVSVELLSMSSSSRIVTHDIPIKVIPRKLWKDLQEPVVPDP
DVSIYLPVLKTMKSVVEKMKNISNHLVIEANLDGELNLKIETELVCVTTHFKDLGNPPLASESTHEDRNVEHMAEVHIDI
RKLLQFLAGQQVNPTKALCNIVNNKMVHFDLLHEDVSLQYFIPALS
;
B
3 'polypeptide(L)'
;MPLLTQQIQDEDDQYSLVASLDNVRNLSTILKAIHFREHATCFATKNGIKVTVENAKCVQANAFIQAGIFQEFKVQEESV
TFRINLTVLLDCLSIFGSSPMPGTLTALRMCYQGYGYPLMLFLEEGGVVTVCKINTQEPEETLDFDFCSTNVINKIILQS
EGLREAFSELDMTSEVLQITMSPDKPYFRLSTFGNAGSSHLDYPKDSDLMEAFHCNQTQVNRYKISLLKPSTKALVLSCK
VSIRTDNRGFLSLQYMIRNEDGQICFVEYYCCPDEEVPESES
;
C
#
# COMPACT_ATOMS: atom_id res chain seq x y z
N LYS A 2 31.78 -16.45 -14.24
CA LYS A 2 30.47 -16.83 -14.82
C LYS A 2 29.68 -17.73 -13.87
N CYS A 3 28.36 -17.49 -13.81
CA CYS A 3 27.43 -18.28 -12.99
C CYS A 3 26.00 -18.16 -13.56
N LEU A 4 25.52 -19.22 -14.19
CA LEU A 4 24.21 -19.19 -14.86
C LEU A 4 23.07 -19.85 -14.08
N VAL A 5 22.16 -19.07 -13.52
CA VAL A 5 20.96 -19.64 -12.89
C VAL A 5 19.77 -19.68 -13.86
N THR A 6 19.10 -20.82 -13.93
CA THR A 6 17.98 -21.00 -14.85
C THR A 6 16.72 -21.43 -14.14
N GLY A 7 15.58 -21.21 -14.79
CA GLY A 7 14.27 -21.64 -14.30
C GLY A 7 13.81 -21.13 -12.94
N GLY A 8 13.27 -22.05 -12.16
CA GLY A 8 12.72 -21.74 -10.85
C GLY A 8 13.77 -21.30 -9.85
N ASN A 9 15.01 -21.70 -10.09
CA ASN A 9 16.13 -21.34 -9.23
C ASN A 9 16.34 -19.84 -9.20
N VAL A 10 16.09 -19.20 -10.33
CA VAL A 10 16.08 -17.73 -10.51
C VAL A 10 15.38 -16.98 -9.35
N LYS A 11 14.17 -17.42 -9.01
CA LYS A 11 13.40 -16.89 -7.88
C LYS A 11 14.11 -17.11 -6.52
N VAL A 12 14.65 -18.31 -6.31
CA VAL A 12 15.29 -18.70 -5.04
C VAL A 12 16.53 -17.86 -4.65
N LEU A 13 17.26 -17.36 -5.65
CA LEU A 13 18.37 -16.47 -5.38
C LEU A 13 17.83 -15.05 -5.22
N GLY A 14 16.79 -14.71 -6.00
CA GLY A 14 16.13 -13.42 -5.89
C GLY A 14 15.61 -13.19 -4.49
N LYS A 15 14.91 -14.20 -3.96
CA LYS A 15 14.46 -14.25 -2.57
C LYS A 15 15.65 -14.39 -1.63
N ALA A 16 16.67 -15.13 -2.07
CA ALA A 16 17.87 -15.28 -1.29
C ALA A 16 18.55 -13.92 -1.12
N VAL A 17 18.76 -13.23 -2.23
CA VAL A 17 19.33 -11.88 -2.19
C VAL A 17 18.44 -10.90 -1.40
N HIS A 18 17.12 -10.96 -1.59
CA HIS A 18 16.24 -10.10 -0.83
C HIS A 18 16.49 -10.22 0.66
N SER A 19 16.72 -11.45 1.15
CA SER A 19 16.94 -11.69 2.59
C SER A 19 18.16 -10.93 3.11
N LEU A 20 19.25 -11.01 2.36
CA LEU A 20 20.45 -10.23 2.65
C LEU A 20 20.16 -8.74 2.58
N SER A 21 19.27 -8.35 1.66
CA SER A 21 19.00 -6.94 1.41
C SER A 21 18.28 -6.24 2.56
N ARG A 22 18.00 -6.95 3.65
CA ARG A 22 17.47 -6.32 4.86
C ARG A 22 18.41 -6.55 6.04
N ILE A 23 19.70 -6.67 5.73
CA ILE A 23 20.73 -6.90 6.74
C ILE A 23 21.86 -5.91 6.50
N GLY A 24 21.98 -5.42 5.28
CA GLY A 24 22.97 -4.42 4.93
C GLY A 24 22.61 -3.58 3.72
N ASP A 25 23.59 -2.79 3.26
CA ASP A 25 23.41 -1.85 2.16
C ASP A 25 24.41 -2.13 1.04
N GLU A 26 25.26 -3.14 1.22
CA GLU A 26 26.25 -3.53 0.21
C GLU A 26 26.48 -5.06 0.22
N LEU A 27 26.85 -5.61 -0.93
CA LEU A 27 26.87 -7.07 -1.09
C LEU A 27 28.21 -7.64 -1.55
N TYR A 28 28.69 -8.63 -0.81
CA TYR A 28 29.98 -9.26 -1.06
C TYR A 28 29.79 -10.56 -1.84
N LEU A 29 29.68 -10.40 -3.17
CA LEU A 29 29.57 -11.51 -4.10
C LEU A 29 30.95 -12.16 -4.23
N GLU A 30 31.12 -13.31 -3.57
CA GLU A 30 32.35 -14.10 -3.67
C GLU A 30 32.06 -15.39 -4.44
N PRO A 31 32.70 -15.59 -5.60
CA PRO A 31 32.76 -16.94 -6.16
C PRO A 31 33.89 -17.74 -5.56
N LEU A 32 33.79 -19.07 -5.64
CA LEU A 32 34.65 -20.01 -4.93
C LEU A 32 34.19 -21.38 -5.42
N GLU A 33 35.12 -22.31 -5.65
CA GLU A 33 34.77 -23.57 -6.38
C GLU A 33 33.58 -24.36 -5.81
N ASP A 34 33.34 -24.24 -4.50
CA ASP A 34 32.20 -24.86 -3.83
C ASP A 34 30.90 -24.04 -3.94
N GLY A 35 31.01 -22.86 -4.54
CA GLY A 35 29.83 -22.09 -4.89
C GLY A 35 30.02 -20.59 -4.87
N LEU A 36 29.05 -19.90 -5.48
CA LEU A 36 28.92 -18.46 -5.30
C LEU A 36 28.56 -18.27 -3.83
N SER A 37 29.30 -17.41 -3.15
CA SER A 37 28.91 -17.01 -1.80
C SER A 37 28.28 -15.62 -1.85
N LEU A 38 27.23 -15.44 -1.07
CA LEU A 38 26.65 -14.12 -0.91
C LEU A 38 26.86 -13.66 0.52
N ARG A 39 27.98 -12.97 0.75
CA ARG A 39 28.30 -12.41 2.07
C ARG A 39 27.67 -11.02 2.21
N THR A 40 27.59 -10.52 3.44
CA THR A 40 27.22 -9.12 3.76
C THR A 40 27.25 -8.86 5.28
N VAL A 41 27.74 -7.68 5.67
CA VAL A 41 27.75 -7.27 7.07
C VAL A 41 26.93 -6.02 7.33
N ASN A 42 26.30 -5.99 8.51
CA ASN A 42 25.85 -4.78 9.23
C ASN A 42 26.47 -3.45 8.80
N SER A 43 25.68 -2.38 8.92
CA SER A 43 26.16 -0.99 8.81
C SER A 43 27.24 -0.66 9.86
N SER A 44 27.31 -1.53 10.87
CA SER A 44 28.04 -1.24 12.10
C SER A 44 29.08 -2.31 12.44
N ARG A 45 29.17 -3.35 11.59
CA ARG A 45 30.00 -4.55 11.87
C ARG A 45 29.57 -5.16 13.21
N SER A 46 28.26 -5.32 13.37
CA SER A 46 27.69 -5.96 14.55
C SER A 46 27.12 -7.29 14.15
N ALA A 47 26.68 -7.41 12.90
CA ALA A 47 26.02 -8.62 12.45
C ALA A 47 26.26 -8.89 10.98
N TYR A 48 26.75 -10.09 10.68
CA TYR A 48 27.08 -10.52 9.31
C TYR A 48 26.02 -11.47 8.70
N ALA A 49 26.09 -11.73 7.39
CA ALA A 49 25.20 -12.70 6.73
C ALA A 49 25.70 -13.24 5.37
N CYS A 50 25.84 -14.56 5.26
CA CYS A 50 26.24 -15.20 4.00
C CYS A 50 25.32 -16.30 3.55
N PHE A 51 25.09 -16.31 2.24
CA PHE A 51 24.29 -17.32 1.55
C PHE A 51 25.19 -17.99 0.50
N LEU A 52 25.53 -19.26 0.72
CA LEU A 52 26.32 -20.01 -0.26
C LEU A 52 25.37 -20.79 -1.15
N PHE A 53 25.74 -21.02 -2.40
CA PHE A 53 24.91 -21.79 -3.35
C PHE A 53 25.74 -22.81 -4.16
N ALA A 54 25.54 -24.11 -3.91
CA ALA A 54 26.29 -25.17 -4.59
C ALA A 54 26.18 -25.12 -6.12
N PRO A 55 27.34 -25.25 -6.82
CA PRO A 55 27.43 -25.12 -8.29
C PRO A 55 26.32 -25.89 -9.02
N LEU A 56 25.82 -26.94 -8.39
CA LEU A 56 24.82 -27.82 -8.97
C LEU A 56 23.47 -27.14 -9.26
N PHE A 57 23.10 -26.16 -8.44
CA PHE A 57 21.89 -25.37 -8.67
C PHE A 57 22.00 -24.50 -9.92
N PHE A 58 23.22 -24.09 -10.26
CA PHE A 58 23.45 -23.35 -11.49
C PHE A 58 23.55 -24.22 -12.75
N GLN A 59 23.17 -23.64 -13.88
CA GLN A 59 23.33 -24.29 -15.15
C GLN A 59 24.82 -24.33 -15.41
N GLN A 60 25.51 -23.23 -15.11
CA GLN A 60 26.97 -23.16 -15.27
C GLN A 60 27.62 -22.39 -14.11
N TYR A 61 28.85 -22.80 -13.76
CA TYR A 61 29.59 -22.14 -12.68
C TYR A 61 31.11 -22.24 -12.81
N GLN A 62 31.79 -21.10 -12.73
CA GLN A 62 33.25 -21.01 -12.93
C GLN A 62 33.91 -19.98 -12.02
N ALA A 63 34.94 -20.43 -11.30
CA ALA A 63 35.77 -19.58 -10.45
C ALA A 63 37.14 -20.21 -10.30
N ALA A 64 37.59 -20.86 -11.39
CA ALA A 64 38.83 -21.65 -11.42
C ALA A 64 40.02 -21.01 -10.69
N THR A 65 40.87 -21.85 -10.11
CA THR A 65 41.96 -21.44 -9.23
C THR A 65 42.85 -20.30 -9.77
N PRO A 66 43.25 -20.37 -11.07
CA PRO A 66 44.26 -19.48 -11.66
C PRO A 66 44.26 -18.05 -11.13
N GLY A 67 45.41 -17.60 -10.64
CA GLY A 67 45.61 -16.23 -10.18
C GLY A 67 45.34 -16.02 -8.70
N GLN A 68 46.02 -15.02 -8.13
CA GLN A 68 45.65 -14.47 -6.83
C GLN A 68 45.05 -13.08 -7.07
N ASP A 69 44.45 -12.95 -8.25
CA ASP A 69 43.63 -11.84 -8.65
C ASP A 69 42.37 -11.82 -7.79
N LEU A 70 42.05 -10.67 -7.21
CA LEU A 70 40.82 -10.51 -6.41
C LEU A 70 39.56 -10.70 -7.26
N LEU A 71 39.07 -11.92 -7.27
CA LEU A 71 37.81 -12.24 -7.89
C LEU A 71 36.73 -12.16 -6.86
N ARG A 72 36.51 -10.95 -6.37
CA ARG A 72 35.49 -10.65 -5.39
C ARG A 72 34.91 -9.31 -5.84
N CYS A 73 33.59 -9.25 -5.94
CA CYS A 73 32.90 -8.11 -6.53
C CYS A 73 32.10 -7.57 -5.33
N LYS A 74 32.13 -6.25 -5.14
CA LYS A 74 31.51 -5.50 -4.04
C LYS A 74 30.37 -4.70 -4.70
N ILE A 75 29.25 -4.43 -4.04
CA ILE A 75 28.17 -3.71 -4.73
C ILE A 75 27.05 -3.13 -3.83
N LEU A 76 26.66 -1.89 -4.06
CA LEU A 76 25.54 -1.31 -3.32
C LEU A 76 24.40 -2.32 -3.37
N MET A 77 23.94 -2.75 -2.21
CA MET A 77 22.84 -3.71 -2.12
C MET A 77 21.59 -3.29 -2.89
N LYS A 78 21.25 -2.01 -2.84
CA LYS A 78 20.07 -1.47 -3.51
C LYS A 78 20.23 -1.34 -5.04
N SER A 79 21.47 -1.29 -5.53
CA SER A 79 21.73 -1.25 -6.97
C SER A 79 21.72 -2.66 -7.59
N PHE A 80 21.88 -3.67 -6.72
CA PHE A 80 21.90 -5.07 -7.11
C PHE A 80 20.53 -5.70 -6.89
N LEU A 81 19.99 -5.48 -5.69
CA LEU A 81 18.69 -6.03 -5.30
C LEU A 81 17.56 -5.61 -6.25
N SER A 82 17.52 -4.31 -6.58
CA SER A 82 16.47 -3.76 -7.42
C SER A 82 16.61 -4.19 -8.88
N VAL A 83 17.76 -4.78 -9.19
CA VAL A 83 17.94 -5.53 -10.41
C VAL A 83 17.32 -6.91 -10.22
N PHE A 84 17.51 -7.44 -9.01
CA PHE A 84 17.22 -8.85 -8.72
C PHE A 84 15.86 -9.13 -8.10
N ARG A 85 15.15 -8.08 -7.69
CA ARG A 85 13.77 -8.19 -7.20
C ARG A 85 12.79 -7.75 -8.29
N SER A 86 13.17 -6.74 -9.05
CA SER A 86 12.29 -6.11 -10.04
C SER A 86 12.42 -6.76 -11.42
N LEU A 87 12.92 -7.99 -11.46
CA LEU A 87 13.00 -8.69 -12.74
C LEU A 87 12.09 -9.94 -12.81
N ALA A 88 12.54 -11.04 -12.20
CA ALA A 88 11.99 -12.36 -12.43
C ALA A 88 10.51 -12.52 -12.12
N MET A 89 10.04 -11.86 -11.05
CA MET A 89 8.62 -11.90 -10.66
C MET A 89 7.71 -11.51 -11.84
N LEU A 90 8.35 -11.05 -12.90
CA LEU A 90 7.70 -10.80 -14.19
C LEU A 90 7.94 -12.01 -15.11
N GLU A 91 7.64 -13.20 -14.58
CA GLU A 91 7.87 -14.48 -15.28
C GLU A 91 6.84 -14.74 -16.40
N LYS A 92 7.32 -14.80 -17.64
CA LYS A 92 6.43 -14.86 -18.82
C LYS A 92 5.99 -16.27 -19.19
N THR A 93 6.93 -17.13 -19.56
CA THR A 93 6.66 -18.55 -19.78
C THR A 93 7.77 -19.41 -19.16
N VAL A 94 9.01 -18.96 -19.32
CA VAL A 94 10.19 -19.48 -18.62
C VAL A 94 11.43 -18.75 -19.13
N GLU A 95 12.15 -18.10 -18.23
CA GLU A 95 13.33 -17.33 -18.62
C GLU A 95 14.63 -17.86 -17.99
N LYS A 96 15.75 -17.23 -18.34
CA LYS A 96 17.06 -17.63 -17.85
C LYS A 96 17.91 -16.42 -17.46
N CYS A 97 18.71 -16.61 -16.42
CA CYS A 97 19.60 -15.55 -15.95
C CYS A 97 21.05 -16.03 -15.88
N CYS A 98 21.96 -15.13 -16.24
CA CYS A 98 23.38 -15.42 -16.13
C CYS A 98 24.10 -14.19 -15.58
N ILE A 99 24.62 -14.33 -14.36
CA ILE A 99 25.50 -13.30 -13.83
C ILE A 99 26.85 -13.61 -14.43
N SER A 100 27.30 -12.73 -15.32
CA SER A 100 28.58 -12.91 -15.98
C SER A 100 29.60 -11.93 -15.40
N LEU A 101 30.37 -12.41 -14.44
CA LEU A 101 31.51 -11.70 -13.96
C LEU A 101 32.65 -11.91 -14.95
N ASN A 102 33.38 -10.85 -15.22
CA ASN A 102 34.46 -10.86 -16.20
C ASN A 102 35.78 -10.57 -15.48
N GLY A 103 36.88 -11.10 -15.99
CA GLY A 103 38.18 -10.87 -15.37
C GLY A 103 38.65 -9.42 -15.33
N ARG A 104 38.81 -8.85 -16.52
CA ARG A 104 39.64 -7.64 -16.74
C ARG A 104 39.20 -6.29 -16.16
N SER A 105 38.12 -5.73 -16.71
CA SER A 105 37.83 -4.31 -16.58
C SER A 105 36.66 -3.96 -15.63
N SER A 106 35.49 -3.73 -16.21
CA SER A 106 34.33 -3.21 -15.48
C SER A 106 33.59 -4.34 -14.77
N ARG A 107 33.66 -4.29 -13.44
CA ARG A 107 33.38 -5.43 -12.55
C ARG A 107 32.23 -6.40 -12.94
N LEU A 108 30.98 -5.93 -12.90
CA LEU A 108 29.87 -6.86 -12.93
C LEU A 108 28.88 -6.72 -14.08
N VAL A 109 28.51 -7.87 -14.65
CA VAL A 109 27.49 -7.93 -15.68
C VAL A 109 26.46 -9.01 -15.36
N VAL A 110 25.23 -8.56 -15.10
CA VAL A 110 24.07 -9.43 -14.93
C VAL A 110 23.13 -9.14 -16.10
N GLN A 111 22.67 -10.19 -16.77
CA GLN A 111 21.76 -10.02 -17.89
C GLN A 111 20.71 -11.12 -17.92
N LEU A 112 19.55 -10.81 -18.51
CA LEU A 112 18.38 -11.67 -18.45
C LEU A 112 17.85 -11.97 -19.86
N HIS A 113 17.56 -13.24 -20.13
CA HIS A 113 16.92 -13.63 -21.38
C HIS A 113 15.43 -13.80 -21.14
N CYS A 114 14.61 -13.26 -22.05
CA CYS A 114 13.17 -13.26 -21.89
C CYS A 114 12.48 -13.42 -23.25
N LYS A 115 12.77 -14.53 -23.94
CA LYS A 115 12.42 -14.69 -25.37
C LYS A 115 12.98 -13.47 -26.12
N PHE A 116 12.24 -12.95 -27.10
CA PHE A 116 12.61 -11.67 -27.68
C PHE A 116 12.74 -10.58 -26.61
N GLY A 117 13.72 -9.70 -26.76
CA GLY A 117 13.84 -8.56 -25.88
C GLY A 117 14.60 -8.91 -24.63
N VAL A 118 15.91 -8.71 -24.69
CA VAL A 118 16.83 -9.13 -23.63
C VAL A 118 17.27 -7.92 -22.81
N ARG A 119 17.37 -8.10 -21.49
CA ARG A 119 17.84 -7.02 -20.62
C ARG A 119 19.18 -7.32 -19.96
N LYS A 120 20.01 -6.28 -19.87
CA LYS A 120 21.43 -6.45 -19.59
C LYS A 120 21.98 -5.31 -18.73
N THR A 121 22.00 -5.52 -17.40
CA THR A 121 22.52 -4.51 -16.47
C THR A 121 24.02 -4.67 -16.21
N HIS A 122 24.77 -3.59 -16.41
CA HIS A 122 26.22 -3.55 -16.16
C HIS A 122 26.52 -2.83 -14.86
N ASN A 123 26.99 -3.58 -13.87
CA ASN A 123 27.24 -3.03 -12.55
C ASN A 123 28.70 -2.64 -12.28
N LEU A 124 28.96 -1.36 -12.44
CA LEU A 124 30.29 -0.81 -12.18
C LEU A 124 30.52 -0.81 -10.68
N SER A 125 31.39 -1.72 -10.24
CA SER A 125 31.79 -1.76 -8.84
C SER A 125 33.17 -1.14 -8.64
N PHE A 126 33.23 0.17 -8.86
CA PHE A 126 34.45 0.95 -8.68
C PHE A 126 34.84 0.99 -7.20
N GLN A 127 35.72 1.92 -6.81
CA GLN A 127 36.28 2.02 -5.47
C GLN A 127 37.05 0.74 -5.13
N ASP A 128 37.75 0.23 -6.15
CA ASP A 128 38.63 -0.94 -6.05
C ASP A 128 38.97 -1.32 -4.59
N CYS A 129 38.15 -2.17 -3.99
CA CYS A 129 38.38 -2.66 -2.62
C CYS A 129 37.68 -3.99 -2.32
N GLU A 130 38.32 -4.80 -1.48
CA GLU A 130 37.80 -6.13 -1.14
C GLU A 130 37.99 -6.51 0.33
N SER A 131 36.89 -6.70 1.04
CA SER A 131 36.93 -7.32 2.36
C SER A 131 36.98 -8.84 2.18
N LEU A 132 37.55 -9.55 3.14
CA LEU A 132 37.69 -11.01 3.04
C LEU A 132 38.24 -11.74 4.26
N GLN A 133 37.64 -12.91 4.50
CA GLN A 133 38.22 -14.01 5.26
C GLN A 133 37.12 -15.05 5.39
N ALA A 134 37.50 -16.32 5.42
CA ALA A 134 36.55 -17.38 5.74
C ALA A 134 36.19 -17.21 7.21
N VAL A 135 34.88 -17.20 7.51
CA VAL A 135 34.40 -17.07 8.89
C VAL A 135 33.41 -18.19 9.18
N PHE A 136 33.93 -19.38 9.45
CA PHE A 136 33.10 -20.49 9.87
C PHE A 136 33.27 -20.68 11.38
N ASP A 137 32.67 -19.77 12.12
CA ASP A 137 32.64 -19.86 13.57
C ASP A 137 31.75 -21.05 13.98
N PRO A 138 32.37 -22.06 14.63
CA PRO A 138 31.81 -23.39 14.85
C PRO A 138 30.65 -23.41 15.85
N ALA A 139 30.33 -24.61 16.34
CA ALA A 139 29.34 -24.77 17.40
C ALA A 139 29.75 -24.13 18.71
N SER A 140 30.27 -22.90 18.63
CA SER A 140 30.83 -22.15 19.77
C SER A 140 29.89 -21.99 20.96
N CYS A 141 28.63 -22.28 20.72
CA CYS A 141 27.57 -22.12 21.69
C CYS A 141 27.06 -23.47 22.15
N PRO A 142 26.74 -23.60 23.46
CA PRO A 142 26.20 -24.83 24.04
C PRO A 142 24.72 -25.08 23.78
N HIS A 143 24.04 -24.06 23.25
CA HIS A 143 22.59 -24.09 23.11
C HIS A 143 22.31 -24.29 21.62
N MET A 144 21.65 -25.39 21.27
CA MET A 144 21.16 -25.59 19.93
C MET A 144 19.65 -25.72 19.96
N LEU A 145 19.00 -25.10 18.97
CA LEU A 145 17.56 -25.14 18.75
C LEU A 145 17.33 -25.37 17.26
N ARG A 146 16.63 -26.45 16.92
CA ARG A 146 16.30 -26.77 15.53
C ARG A 146 14.79 -26.79 15.39
N ALA A 147 14.29 -26.13 14.36
CA ALA A 147 12.85 -25.85 14.24
C ALA A 147 12.40 -25.68 12.80
N PRO A 148 11.24 -26.29 12.44
CA PRO A 148 10.66 -26.00 11.14
C PRO A 148 10.41 -24.52 11.06
N ALA A 149 11.09 -23.85 10.13
CA ALA A 149 11.06 -22.38 9.99
C ALA A 149 9.67 -21.77 10.18
N ARG A 150 8.67 -22.43 9.58
CA ARG A 150 7.25 -22.20 9.79
C ARG A 150 6.91 -21.92 11.24
N VAL A 151 7.34 -22.81 12.14
CA VAL A 151 6.98 -22.70 13.57
C VAL A 151 7.56 -21.42 14.19
N LEU A 152 8.72 -21.02 13.71
CA LEU A 152 9.40 -19.85 14.23
C LEU A 152 8.68 -18.56 13.82
N GLY A 153 8.03 -18.60 12.65
CA GLY A 153 7.14 -17.54 12.22
C GLY A 153 6.00 -17.41 13.21
N GLU A 154 5.34 -18.53 13.52
CA GLU A 154 4.21 -18.51 14.45
C GLU A 154 4.56 -17.64 15.63
N ALA A 155 5.75 -17.89 16.18
CA ALA A 155 6.30 -17.15 17.31
C ALA A 155 6.49 -15.64 17.08
N VAL A 156 6.71 -15.22 15.84
CA VAL A 156 6.90 -13.80 15.57
C VAL A 156 5.63 -13.09 15.13
N LEU A 157 4.60 -13.86 14.78
CA LEU A 157 3.31 -13.31 14.35
C LEU A 157 2.67 -12.43 15.43
N PRO A 158 2.63 -12.89 16.71
CA PRO A 158 1.89 -12.15 17.74
C PRO A 158 2.35 -10.70 17.97
N PHE A 159 3.65 -10.52 18.23
CA PHE A 159 4.25 -9.21 18.51
C PHE A 159 4.92 -8.58 17.30
N SER A 160 4.20 -8.49 16.19
CA SER A 160 4.86 -8.20 14.91
C SER A 160 4.57 -6.84 14.27
N PRO A 161 4.59 -5.75 15.07
CA PRO A 161 4.31 -4.42 14.52
C PRO A 161 4.95 -4.19 13.16
N ALA A 162 5.96 -5.00 12.85
CA ALA A 162 6.93 -4.78 11.77
C ALA A 162 7.94 -3.76 12.27
N LEU A 163 7.75 -3.35 13.53
CA LEU A 163 8.81 -2.71 14.30
C LEU A 163 8.92 -3.28 15.69
N ALA A 164 9.91 -4.15 15.87
CA ALA A 164 10.34 -4.60 17.17
C ALA A 164 11.82 -4.92 17.04
N GLU A 165 12.68 -3.96 17.40
CA GLU A 165 14.13 -4.19 17.42
C GLU A 165 14.50 -5.20 18.51
N VAL A 166 14.02 -4.96 19.72
CA VAL A 166 14.26 -5.86 20.82
C VAL A 166 13.29 -7.01 20.65
N THR A 167 13.84 -8.21 20.68
CA THR A 167 13.11 -9.45 20.85
C THR A 167 14.00 -10.39 21.65
N LEU A 168 13.45 -10.97 22.70
CA LEU A 168 14.27 -11.75 23.61
C LEU A 168 13.99 -13.25 23.54
N GLY A 169 14.75 -13.95 22.70
CA GLY A 169 14.70 -15.41 22.65
C GLY A 169 15.26 -15.92 23.95
N ILE A 170 14.50 -16.78 24.64
CA ILE A 170 14.88 -17.24 25.98
C ILE A 170 14.49 -18.71 26.21
N GLY A 171 15.43 -19.51 26.72
CA GLY A 171 15.19 -20.95 26.89
C GLY A 171 14.75 -21.31 28.30
N ARG A 172 13.96 -20.43 28.91
CA ARG A 172 13.66 -20.44 30.37
C ARG A 172 12.35 -21.12 30.80
N GLY A 173 12.14 -21.23 32.12
CA GLY A 173 10.89 -21.74 32.71
C GLY A 173 11.03 -23.16 33.22
N ARG A 174 10.78 -24.09 32.30
CA ARG A 174 11.34 -25.44 32.35
C ARG A 174 10.94 -26.15 31.06
N ARG A 175 11.81 -26.00 30.08
CA ARG A 175 11.69 -26.57 28.74
C ARG A 175 10.54 -25.97 27.94
N VAL A 176 10.23 -24.71 28.23
CA VAL A 176 9.34 -23.91 27.36
C VAL A 176 10.09 -22.68 26.86
N ILE A 177 10.29 -22.59 25.55
CA ILE A 177 11.00 -21.44 24.98
C ILE A 177 10.12 -20.18 25.05
N LEU A 178 10.66 -19.13 25.64
CA LEU A 178 9.96 -17.86 25.75
C LEU A 178 10.46 -16.90 24.69
N ARG A 179 9.61 -15.93 24.33
CA ARG A 179 10.02 -14.83 23.47
C ARG A 179 9.32 -13.59 23.95
N SER A 180 9.92 -12.93 24.94
CA SER A 180 9.41 -11.68 25.45
C SER A 180 10.08 -10.56 24.66
N TYR A 181 10.04 -9.35 25.22
CA TYR A 181 10.86 -8.21 24.79
C TYR A 181 10.64 -7.17 25.90
N HIS A 182 11.37 -6.04 25.90
CA HIS A 182 11.14 -5.01 26.95
C HIS A 182 11.81 -3.60 26.85
N GLU A 183 11.25 -2.69 27.65
CA GLU A 183 11.81 -1.37 28.05
C GLU A 183 11.04 -0.97 29.32
N GLU A 184 11.72 -0.34 30.30
CA GLU A 184 11.16 -0.12 31.65
C GLU A 184 10.57 1.27 31.95
N GLU A 185 11.00 2.28 31.20
CA GLU A 185 10.62 3.69 31.42
C GLU A 185 9.11 3.91 31.39
N ALA A 186 8.57 4.45 32.49
CA ALA A 186 7.12 4.37 32.76
C ALA A 186 6.50 5.45 33.68
N ASP A 187 6.65 6.71 33.32
CA ASP A 187 6.03 7.81 34.09
C ASP A 187 4.83 8.45 33.38
N SER A 188 4.45 9.66 33.81
CA SER A 188 3.31 10.43 33.29
C SER A 188 2.88 10.09 31.85
N THR A 189 3.83 10.07 30.93
CA THR A 189 3.53 9.76 29.52
C THR A 189 4.53 8.76 28.92
N ALA A 190 5.57 8.42 29.70
CA ALA A 190 6.54 7.41 29.30
C ALA A 190 5.82 6.08 29.04
N LYS A 191 6.33 5.29 28.08
CA LYS A 191 5.57 4.14 27.54
C LYS A 191 6.39 2.89 27.19
N ALA A 192 5.69 1.74 27.09
CA ALA A 192 6.23 0.46 26.58
C ALA A 192 5.19 -0.66 26.70
N MET A 193 4.85 -1.30 25.59
CA MET A 193 3.93 -2.46 25.60
C MET A 193 4.64 -3.78 25.32
N VAL A 194 4.51 -4.71 26.27
CA VAL A 194 5.25 -5.97 26.22
C VAL A 194 4.44 -7.12 25.63
N THR A 195 5.04 -7.81 24.66
CA THR A 195 4.47 -9.03 24.08
C THR A 195 5.37 -10.23 24.32
N GLU A 196 4.75 -11.32 24.73
CA GLU A 196 5.46 -12.55 24.99
C GLU A 196 4.79 -13.65 24.18
N MET A 197 5.56 -14.28 23.30
CA MET A 197 5.13 -15.52 22.67
C MET A 197 5.89 -16.70 23.30
N CYS A 198 5.20 -17.74 23.77
CA CYS A 198 5.92 -18.86 24.36
C CYS A 198 5.52 -20.27 23.88
N LEU A 199 6.50 -21.16 23.81
CA LEU A 199 6.37 -22.27 22.90
C LEU A 199 6.61 -23.65 23.48
N GLY A 200 5.84 -24.61 22.97
CA GLY A 200 5.87 -25.97 23.45
C GLY A 200 7.30 -26.43 23.54
N GLU A 201 7.51 -27.47 24.33
CA GLU A 201 8.80 -28.14 24.45
C GLU A 201 9.13 -28.77 23.11
N GLU A 202 8.39 -29.82 22.77
CA GLU A 202 8.63 -30.60 21.57
C GLU A 202 8.01 -30.05 20.31
N ASP A 203 7.66 -28.76 20.36
CA ASP A 203 7.20 -28.11 19.14
C ASP A 203 8.42 -27.86 18.28
N PHE A 204 9.58 -28.26 18.81
CA PHE A 204 10.87 -28.12 18.15
C PHE A 204 11.51 -29.47 18.02
N GLN A 205 11.99 -29.75 16.81
CA GLN A 205 12.90 -30.84 16.52
C GLN A 205 13.96 -31.04 17.63
N GLN A 206 14.67 -29.96 17.97
CA GLN A 206 15.80 -30.04 18.88
C GLN A 206 15.86 -28.80 19.79
N LEU A 207 15.82 -29.04 21.10
CA LEU A 207 15.98 -28.00 22.11
C LEU A 207 16.98 -28.54 23.10
N GLN A 208 18.14 -27.89 23.19
CA GLN A 208 19.13 -28.25 24.20
C GLN A 208 18.74 -27.29 25.31
N ALA A 209 18.50 -27.87 26.48
CA ALA A 209 18.02 -27.07 27.59
C ALA A 209 19.07 -26.45 28.49
N GLN A 210 18.99 -25.13 28.64
CA GLN A 210 19.69 -24.42 29.69
C GLN A 210 18.76 -23.39 30.30
N GLU A 211 17.94 -23.88 31.23
CA GLU A 211 17.07 -23.08 32.08
C GLU A 211 17.58 -21.66 32.28
N GLY A 212 16.78 -20.67 31.87
CA GLY A 212 16.99 -19.27 32.28
C GLY A 212 18.07 -18.40 31.64
N VAL A 213 18.50 -18.73 30.43
CA VAL A 213 19.35 -17.81 29.67
C VAL A 213 18.59 -17.14 28.51
N ALA A 214 18.65 -15.81 28.47
CA ALA A 214 18.05 -15.04 27.41
C ALA A 214 19.11 -14.59 26.39
N ILE A 215 18.66 -14.11 25.23
CA ILE A 215 19.51 -13.39 24.27
C ILE A 215 18.74 -12.37 23.42
N THR A 216 18.96 -11.07 23.64
CA THR A 216 18.31 -10.08 22.78
C THR A 216 19.02 -9.67 21.51
N PHE A 217 18.47 -10.13 20.40
CA PHE A 217 18.93 -9.77 19.06
C PHE A 217 17.86 -8.99 18.29
N CYS A 218 18.33 -8.06 17.47
CA CYS A 218 17.50 -7.29 16.57
C CYS A 218 16.65 -8.18 15.65
N LEU A 219 15.33 -8.09 15.85
CA LEU A 219 14.31 -8.89 15.14
C LEU A 219 14.12 -8.46 13.71
N LYS A 220 14.72 -7.34 13.34
CA LYS A 220 14.73 -6.93 11.96
C LYS A 220 15.57 -7.96 11.23
N GLU A 221 16.88 -7.96 11.49
CA GLU A 221 17.81 -8.92 10.89
C GLU A 221 17.27 -10.35 10.90
N PHE A 222 16.71 -10.78 12.03
CA PHE A 222 16.17 -12.14 12.17
C PHE A 222 15.15 -12.45 11.10
N ARG A 223 13.98 -11.80 11.19
CA ARG A 223 12.95 -11.75 10.15
C ARG A 223 13.49 -11.92 8.74
N GLY A 224 14.60 -11.26 8.44
CA GLY A 224 15.31 -11.42 7.17
C GLY A 224 15.56 -12.86 6.79
N LEU A 225 16.18 -13.62 7.69
CA LEU A 225 16.41 -15.03 7.40
C LEU A 225 15.13 -15.84 7.55
N LEU A 226 14.26 -15.37 8.45
CA LEU A 226 12.97 -16.01 8.64
C LEU A 226 12.14 -15.91 7.37
N SER A 227 12.07 -14.73 6.77
CA SER A 227 11.27 -14.52 5.57
C SER A 227 11.57 -15.59 4.53
N PHE A 228 12.81 -16.07 4.52
CA PHE A 228 13.17 -17.17 3.64
C PHE A 228 12.70 -18.46 4.28
N ALA A 229 11.43 -18.44 4.70
CA ALA A 229 10.73 -19.55 5.32
C ALA A 229 9.90 -20.28 4.28
N GLU A 230 10.51 -20.51 3.12
CA GLU A 230 9.82 -21.17 2.00
C GLU A 230 10.40 -22.55 1.70
N SER A 231 9.51 -23.45 1.30
CA SER A 231 9.80 -24.88 1.11
C SER A 231 9.87 -25.65 2.44
N ALA A 232 9.40 -25.01 3.52
CA ALA A 232 9.47 -25.55 4.89
C ALA A 232 10.91 -25.92 5.26
N ASN A 233 11.80 -24.98 4.97
CA ASN A 233 13.19 -24.98 5.41
C ASN A 233 13.31 -25.19 6.92
N LEU A 234 14.33 -25.93 7.36
CA LEU A 234 14.59 -26.06 8.80
C LEU A 234 15.55 -25.00 9.34
N ASN A 235 15.09 -24.27 10.34
CA ASN A 235 15.83 -23.16 10.91
C ASN A 235 16.64 -23.70 12.07
N LEU A 236 17.78 -23.07 12.35
CA LEU A 236 18.70 -23.57 13.36
C LEU A 236 19.29 -22.40 14.16
N SER A 237 18.95 -22.35 15.45
CA SER A 237 19.33 -21.26 16.33
C SER A 237 20.41 -21.67 17.32
N ILE A 238 21.66 -21.38 16.97
CA ILE A 238 22.80 -21.68 17.85
C ILE A 238 23.33 -20.42 18.55
N HIS A 239 23.25 -20.39 19.89
CA HIS A 239 23.63 -19.21 20.67
C HIS A 239 24.41 -19.53 21.95
N PHE A 240 25.43 -18.72 22.23
CA PHE A 240 26.17 -18.75 23.49
C PHE A 240 25.57 -17.72 24.45
N ASP A 241 25.84 -17.90 25.75
CA ASP A 241 25.29 -17.02 26.78
C ASP A 241 25.69 -15.55 26.66
N ALA A 242 25.05 -14.71 27.48
CA ALA A 242 25.51 -13.35 27.75
C ALA A 242 25.54 -12.51 26.46
N PRO A 243 26.26 -11.37 26.42
CA PRO A 243 26.07 -10.56 25.23
C PRO A 243 27.01 -10.85 24.05
N GLY A 244 28.22 -10.28 24.09
CA GLY A 244 29.15 -10.34 22.98
C GLY A 244 28.89 -11.50 22.04
N ARG A 245 29.00 -12.71 22.60
CA ARG A 245 28.91 -13.95 21.83
C ARG A 245 27.54 -14.06 21.14
N PRO A 246 27.56 -13.94 19.80
CA PRO A 246 26.36 -13.77 18.98
C PRO A 246 25.52 -15.03 18.90
N ALA A 247 24.42 -14.92 18.17
CA ALA A 247 23.62 -16.09 17.83
C ALA A 247 24.00 -16.49 16.41
N ILE A 248 23.92 -17.78 16.12
CA ILE A 248 24.11 -18.23 14.74
C ILE A 248 22.80 -18.83 14.24
N PHE A 249 22.24 -18.18 13.24
CA PHE A 249 21.01 -18.64 12.60
C PHE A 249 21.39 -19.31 11.29
N THR A 250 21.58 -20.62 11.36
CA THR A 250 22.01 -21.40 10.20
C THR A 250 20.81 -21.97 9.45
N ILE A 251 20.96 -22.23 8.16
CA ILE A 251 19.95 -23.00 7.43
C ILE A 251 20.57 -24.02 6.44
N LYS A 252 20.29 -25.29 6.73
CA LYS A 252 20.77 -26.43 5.93
C LYS A 252 19.83 -26.80 4.80
N ASP A 253 20.41 -27.17 3.66
CA ASP A 253 19.65 -27.65 2.50
C ASP A 253 20.49 -28.54 1.57
N SER A 254 20.03 -28.68 0.32
CA SER A 254 20.59 -29.63 -0.62
C SER A 254 21.80 -29.04 -1.35
N LEU A 255 21.72 -27.73 -1.58
CA LEU A 255 22.70 -27.01 -2.40
C LEU A 255 22.86 -25.60 -1.84
N LEU A 256 21.77 -25.10 -1.27
CA LEU A 256 21.75 -23.91 -0.46
C LEU A 256 22.45 -24.21 0.84
N ASP A 257 23.44 -23.39 1.19
CA ASP A 257 23.91 -23.32 2.56
C ASP A 257 23.72 -21.87 2.98
N GLY A 258 22.92 -21.66 4.04
CA GLY A 258 22.64 -20.34 4.57
C GLY A 258 23.18 -20.21 5.98
N HIS A 259 23.57 -18.99 6.35
CA HIS A 259 24.35 -18.73 7.57
C HIS A 259 24.17 -17.29 8.03
N PHE A 260 23.61 -17.08 9.23
CA PHE A 260 23.36 -15.73 9.75
C PHE A 260 23.93 -15.45 11.15
N VAL A 261 24.86 -14.50 11.23
CA VAL A 261 25.36 -14.04 12.53
C VAL A 261 24.77 -12.69 12.92
N LEU A 262 24.08 -12.68 14.06
CA LEU A 262 23.49 -11.48 14.64
C LEU A 262 24.01 -11.36 16.07
N ALA A 263 24.63 -10.22 16.40
CA ALA A 263 25.24 -10.09 17.73
C ALA A 263 24.20 -9.86 18.81
N THR A 264 24.24 -10.71 19.84
CA THR A 264 23.38 -10.56 21.03
C THR A 264 23.79 -9.36 21.88
N LEU A 265 22.85 -8.47 22.14
CA LEU A 265 23.12 -7.30 22.99
C LEU A 265 23.33 -7.68 24.44
N PHE B 9 -10.59 -5.06 40.44
CA PHE B 9 -10.10 -6.24 39.66
C PHE B 9 -11.16 -6.75 38.70
N ARG B 10 -10.73 -7.30 37.57
CA ARG B 10 -11.61 -7.56 36.43
C ARG B 10 -11.05 -8.67 35.52
N ALA B 11 -11.89 -9.61 35.09
CA ALA B 11 -11.42 -10.74 34.25
C ALA B 11 -12.46 -11.27 33.29
N LYS B 12 -12.04 -11.58 32.07
CA LYS B 12 -12.94 -12.11 31.02
C LYS B 12 -12.34 -13.26 30.19
N ILE B 13 -13.23 -14.03 29.56
CA ILE B 13 -12.84 -15.01 28.53
C ILE B 13 -13.66 -14.77 27.24
N VAL B 14 -13.07 -15.09 26.09
CA VAL B 14 -13.84 -15.19 24.84
C VAL B 14 -13.48 -16.54 24.20
N ASP B 15 -14.44 -17.12 23.48
CA ASP B 15 -14.30 -18.48 22.98
C ASP B 15 -14.69 -18.68 21.50
N GLY B 16 -15.75 -18.02 21.04
CA GLY B 16 -16.26 -18.24 19.67
C GLY B 16 -15.60 -17.45 18.53
N ALA B 17 -16.36 -17.29 17.45
CA ALA B 17 -16.09 -16.29 16.41
C ALA B 17 -16.72 -14.96 16.88
N CYS B 18 -17.46 -15.02 17.99
CA CYS B 18 -17.66 -13.88 18.86
C CYS B 18 -16.32 -13.16 18.99
N LEU B 19 -15.26 -13.97 19.14
CA LEU B 19 -13.86 -13.53 19.23
C LEU B 19 -13.50 -12.56 18.12
N ASN B 20 -13.75 -12.98 16.88
CA ASN B 20 -13.54 -12.16 15.69
C ASN B 20 -14.53 -11.01 15.69
N HIS B 21 -15.77 -11.31 16.03
CA HIS B 21 -16.79 -10.29 16.23
C HIS B 21 -16.37 -9.26 17.30
N PHE B 22 -15.56 -9.67 18.27
CA PHE B 22 -14.94 -8.70 19.18
C PHE B 22 -13.72 -8.02 18.54
N THR B 23 -12.98 -8.77 17.73
CA THR B 23 -11.73 -8.29 17.15
C THR B 23 -12.01 -7.16 16.16
N ARG B 24 -12.98 -7.36 15.27
CA ARG B 24 -13.31 -6.35 14.27
C ARG B 24 -14.03 -5.11 14.83
N ILE B 25 -14.51 -5.19 16.07
CA ILE B 25 -14.94 -4.01 16.80
C ILE B 25 -13.72 -3.18 17.25
N SER B 26 -12.67 -3.85 17.72
CA SER B 26 -11.52 -3.15 18.25
C SER B 26 -10.75 -2.44 17.14
N ASN B 27 -10.61 -3.08 15.97
CA ASN B 27 -10.09 -2.37 14.79
C ASN B 27 -11.13 -1.37 14.27
N MET B 28 -12.42 -1.64 14.50
CA MET B 28 -13.49 -0.68 14.19
C MET B 28 -13.36 0.51 15.13
N ILE B 29 -12.51 0.37 16.15
CA ILE B 29 -12.25 1.43 17.14
C ILE B 29 -10.91 2.13 16.89
N ALA B 30 -9.85 1.33 16.68
CA ALA B 30 -8.51 1.87 16.49
C ALA B 30 -8.44 2.84 15.33
N LYS B 31 -9.36 2.62 14.37
CA LYS B 31 -9.32 3.22 13.03
C LYS B 31 -10.08 4.56 12.96
N LEU B 32 -10.80 4.89 14.04
CA LEU B 32 -11.51 6.17 14.14
C LEU B 32 -11.25 6.92 15.46
N ALA B 33 -10.33 6.41 16.26
CA ALA B 33 -10.00 6.97 17.55
C ALA B 33 -8.66 6.40 18.04
N LYS B 34 -7.74 7.29 18.37
CA LYS B 34 -6.38 6.95 18.74
C LYS B 34 -6.21 6.57 20.20
N THR B 35 -7.02 7.15 21.08
CA THR B 35 -6.92 6.87 22.53
C THR B 35 -8.27 6.68 23.21
N CYS B 36 -9.06 5.74 22.72
CA CYS B 36 -10.36 5.45 23.32
C CYS B 36 -10.22 5.24 24.83
N THR B 37 -11.35 5.31 25.53
CA THR B 37 -11.42 4.95 26.94
C THR B 37 -12.44 3.83 27.05
N LEU B 38 -12.08 2.71 27.68
CA LEU B 38 -12.98 1.56 27.84
C LEU B 38 -13.56 1.39 29.25
N ARG B 39 -14.86 1.13 29.31
CA ARG B 39 -15.59 0.87 30.56
C ARG B 39 -16.12 -0.55 30.64
N ILE B 40 -15.47 -1.36 31.46
CA ILE B 40 -16.12 -2.55 32.03
C ILE B 40 -17.11 -2.08 33.10
N SER B 41 -18.28 -2.69 33.13
CA SER B 41 -19.39 -2.21 33.97
C SER B 41 -19.95 -3.44 34.69
N PRO B 42 -21.26 -3.49 35.07
CA PRO B 42 -21.59 -4.76 35.67
C PRO B 42 -21.69 -5.76 34.53
N ASP B 43 -22.32 -6.89 34.73
CA ASP B 43 -22.04 -8.02 33.88
C ASP B 43 -22.29 -7.86 32.36
N LYS B 44 -22.88 -6.73 31.94
CA LYS B 44 -23.18 -6.57 30.51
C LYS B 44 -22.75 -5.27 29.80
N LEU B 45 -21.79 -4.54 30.34
CA LEU B 45 -21.45 -3.25 29.72
C LEU B 45 -19.98 -3.05 29.36
N ASN B 46 -19.76 -2.82 28.06
CA ASN B 46 -18.44 -2.68 27.49
C ASN B 46 -18.43 -1.56 26.45
N PHE B 47 -18.14 -0.34 26.88
CA PHE B 47 -18.07 0.77 25.92
C PHE B 47 -16.70 1.43 25.76
N ILE B 48 -16.57 2.05 24.60
CA ILE B 48 -15.37 2.71 24.20
C ILE B 48 -15.70 4.18 23.95
N LEU B 49 -14.90 5.05 24.57
CA LEU B 49 -15.18 6.49 24.69
C LEU B 49 -13.97 7.26 24.25
N CYS B 50 -14.18 8.38 23.55
CA CYS B 50 -13.06 9.11 22.95
C CYS B 50 -13.00 10.59 23.31
N ASP B 51 -12.01 10.95 24.14
CA ASP B 51 -11.82 12.33 24.63
C ASP B 51 -10.73 12.41 25.70
N LYS B 52 -9.48 12.63 25.29
CA LYS B 52 -8.40 12.97 26.23
C LYS B 52 -7.73 14.28 25.90
N LEU B 53 -7.99 15.32 26.72
CA LEU B 53 -7.61 16.69 26.29
C LEU B 53 -8.31 16.73 24.92
N ALA B 54 -7.74 17.45 23.94
CA ALA B 54 -8.27 17.44 22.57
C ALA B 54 -9.65 18.10 22.45
N ASN B 55 -10.01 18.92 23.46
CA ASN B 55 -11.38 19.45 23.62
C ASN B 55 -12.39 18.28 23.58
N GLY B 56 -13.59 18.48 23.02
CA GLY B 56 -14.54 17.36 22.89
C GLY B 56 -13.88 16.09 22.34
N GLY B 57 -13.04 16.26 21.31
CA GLY B 57 -12.39 15.15 20.58
C GLY B 57 -13.33 14.39 19.65
N VAL B 58 -14.22 15.15 18.99
CA VAL B 58 -15.53 14.66 18.50
C VAL B 58 -16.21 13.99 19.68
N SER B 59 -16.95 12.93 19.43
CA SER B 59 -17.39 12.03 20.50
C SER B 59 -17.89 10.74 19.90
N MET B 60 -17.18 9.66 20.21
CA MET B 60 -17.64 8.35 19.83
C MET B 60 -18.02 7.59 21.09
N TRP B 61 -19.23 7.05 21.07
CA TRP B 61 -19.70 6.17 22.12
C TRP B 61 -20.07 4.87 21.47
N CYS B 62 -19.60 3.77 22.03
CA CYS B 62 -19.81 2.45 21.44
C CYS B 62 -20.08 1.39 22.50
N GLU B 63 -21.36 1.15 22.77
CA GLU B 63 -21.80 0.09 23.66
C GLU B 63 -21.90 -1.24 22.89
N LEU B 64 -21.32 -2.27 23.49
CA LEU B 64 -21.50 -3.64 23.04
C LEU B 64 -21.62 -4.46 24.31
N GLU B 65 -22.69 -5.23 24.40
CA GLU B 65 -22.97 -5.97 25.61
C GLU B 65 -22.11 -7.21 25.60
N GLN B 66 -21.54 -7.53 26.74
CA GLN B 66 -20.73 -8.73 26.83
C GLN B 66 -21.63 -9.95 27.05
N GLU B 67 -22.86 -9.69 27.50
CA GLU B 67 -23.93 -10.69 27.69
C GLU B 67 -23.85 -11.93 26.81
N ASN B 68 -23.62 -11.73 25.51
CA ASN B 68 -23.81 -12.79 24.53
C ASN B 68 -22.53 -13.50 24.16
N PHE B 69 -21.45 -12.74 23.99
CA PHE B 69 -20.18 -13.28 23.51
C PHE B 69 -19.13 -13.44 24.61
N PHE B 70 -19.36 -14.42 25.50
CA PHE B 70 -18.46 -14.74 26.61
C PHE B 70 -19.01 -15.93 27.38
N ASN B 71 -18.11 -16.76 27.90
CA ASN B 71 -18.52 -17.90 28.71
C ASN B 71 -18.66 -17.47 30.16
N GLU B 72 -17.55 -16.98 30.72
CA GLU B 72 -17.50 -16.38 32.05
C GLU B 72 -16.73 -15.05 31.95
N PHE B 73 -17.21 -14.03 32.67
CA PHE B 73 -16.56 -12.71 32.71
C PHE B 73 -17.08 -11.81 33.84
N GLN B 74 -16.23 -11.62 34.84
CA GLN B 74 -16.65 -11.07 36.12
C GLN B 74 -16.09 -9.68 36.42
N MET B 75 -16.63 -9.03 37.46
CA MET B 75 -16.51 -7.59 37.65
C MET B 75 -16.74 -7.06 39.06
N GLU B 76 -15.80 -6.28 39.57
CA GLU B 76 -15.89 -5.62 40.88
C GLU B 76 -14.57 -4.95 41.24
N GLY B 77 -14.61 -3.64 41.52
CA GLY B 77 -13.40 -2.91 41.93
C GLY B 77 -13.63 -2.25 43.26
N VAL B 78 -12.59 -2.05 44.07
CA VAL B 78 -12.72 -1.31 45.33
C VAL B 78 -13.12 0.10 44.95
N SER B 79 -14.05 0.16 44.00
CA SER B 79 -14.52 1.37 43.37
C SER B 79 -15.30 2.18 44.37
N ALA B 80 -14.95 3.46 44.44
CA ALA B 80 -15.65 4.40 45.29
C ALA B 80 -17.09 4.63 44.81
N GLU B 81 -18.04 4.25 45.67
CA GLU B 81 -19.45 4.67 45.58
C GLU B 81 -20.30 4.09 44.42
N ASN B 82 -19.73 3.11 43.71
CA ASN B 82 -20.37 2.51 42.54
C ASN B 82 -19.66 1.20 42.17
N ASN B 83 -20.16 0.48 41.17
CA ASN B 83 -19.48 -0.74 40.75
C ASN B 83 -19.06 -0.76 39.28
N GLU B 84 -19.39 0.31 38.54
CA GLU B 84 -18.94 0.44 37.15
C GLU B 84 -17.54 1.03 37.18
N ILE B 85 -16.63 0.47 36.39
CA ILE B 85 -15.26 0.97 36.37
C ILE B 85 -14.70 1.31 34.99
N TYR B 86 -14.06 2.47 34.89
CA TYR B 86 -13.52 3.04 33.64
C TYR B 86 -12.01 2.82 33.61
N LEU B 87 -11.46 2.66 32.40
CA LEU B 87 -9.99 2.57 32.17
C LEU B 87 -9.59 2.83 30.70
N GLU B 88 -8.50 3.54 30.48
CA GLU B 88 -8.21 4.06 29.13
C GLU B 88 -6.82 3.74 28.54
N LEU B 89 -6.82 3.45 27.24
CA LEU B 89 -5.65 2.93 26.54
C LEU B 89 -5.42 3.51 25.13
N THR B 90 -4.25 3.24 24.57
CA THR B 90 -3.94 3.55 23.18
C THR B 90 -4.61 2.48 22.30
N SER B 91 -5.50 2.92 21.40
CA SER B 91 -6.41 1.98 20.74
C SER B 91 -5.73 0.85 19.99
N GLU B 92 -4.53 1.10 19.48
CA GLU B 92 -3.73 0.08 18.83
C GLU B 92 -3.73 -1.19 19.66
N ASN B 93 -3.07 -1.07 20.81
CA ASN B 93 -2.74 -2.19 21.68
C ASN B 93 -3.87 -3.17 21.93
N LEU B 94 -5.11 -2.71 21.79
CA LEU B 94 -6.22 -3.60 21.96
C LEU B 94 -6.23 -4.36 20.65
N SER B 95 -6.28 -3.61 19.55
CA SER B 95 -6.42 -4.14 18.19
C SER B 95 -5.25 -5.01 17.75
N ARG B 96 -4.04 -4.46 17.79
CA ARG B 96 -2.87 -5.29 17.51
C ARG B 96 -2.95 -6.58 18.31
N ALA B 97 -3.04 -6.47 19.64
CA ALA B 97 -3.25 -7.60 20.54
C ALA B 97 -4.41 -8.54 20.12
N LEU B 98 -5.40 -7.99 19.43
CA LEU B 98 -6.59 -8.76 19.08
C LEU B 98 -6.49 -9.53 17.76
N LYS B 99 -5.86 -8.94 16.75
CA LYS B 99 -5.85 -9.56 15.42
C LYS B 99 -4.82 -10.70 15.28
N THR B 100 -4.46 -11.29 16.41
CA THR B 100 -3.64 -12.48 16.46
C THR B 100 -4.33 -13.48 17.36
N ALA B 101 -5.64 -13.56 17.24
CA ALA B 101 -6.46 -14.47 18.03
C ALA B 101 -7.72 -14.83 17.28
N GLN B 102 -7.98 -14.10 16.19
CA GLN B 102 -9.03 -14.44 15.23
C GLN B 102 -8.81 -15.87 14.74
N ASN B 103 -7.58 -16.35 14.94
CA ASN B 103 -7.22 -17.72 14.70
C ASN B 103 -7.45 -18.56 15.97
N ALA B 104 -8.63 -19.17 16.07
CA ALA B 104 -8.85 -20.27 17.05
C ALA B 104 -8.88 -20.03 18.60
N ARG B 105 -8.66 -21.14 19.30
CA ARG B 105 -9.05 -21.43 20.69
C ARG B 105 -9.67 -20.39 21.65
N ALA B 106 -8.84 -19.63 22.40
CA ALA B 106 -9.39 -18.79 23.48
C ALA B 106 -8.73 -17.42 23.66
N LEU B 107 -9.21 -16.65 24.64
CA LEU B 107 -8.52 -15.44 25.09
C LEU B 107 -9.03 -14.84 26.39
N LYS B 108 -8.15 -14.83 27.39
CA LYS B 108 -8.44 -14.22 28.68
C LYS B 108 -8.06 -12.75 28.62
N ILE B 109 -8.85 -11.89 29.27
CA ILE B 109 -8.51 -10.48 29.40
C ILE B 109 -8.68 -10.05 30.86
N LYS B 110 -7.66 -9.42 31.43
CA LYS B 110 -7.77 -8.83 32.78
C LYS B 110 -6.73 -7.77 33.15
N LEU B 111 -7.02 -7.02 34.21
CA LEU B 111 -6.13 -5.97 34.73
C LEU B 111 -4.93 -6.57 35.47
N THR B 112 -3.77 -5.92 35.36
CA THR B 112 -2.58 -6.31 36.13
C THR B 112 -2.37 -5.47 37.39
N ASN B 113 -1.19 -5.62 38.00
CA ASN B 113 -0.93 -5.20 39.39
C ASN B 113 0.09 -4.08 39.55
N LYS B 114 1.32 -4.48 39.88
CA LYS B 114 2.49 -3.64 39.64
C LYS B 114 2.93 -4.07 38.23
N HIS B 115 4.22 -3.90 37.91
CA HIS B 115 4.64 -3.71 36.51
C HIS B 115 3.62 -2.82 35.77
N PHE B 116 3.45 -1.63 36.32
CA PHE B 116 2.63 -0.60 35.71
C PHE B 116 1.27 -1.14 35.34
N PRO B 117 0.36 -1.16 36.29
CA PRO B 117 -0.99 -1.65 36.02
C PRO B 117 -1.36 -1.55 34.55
N CYS B 118 -1.82 -2.66 33.98
CA CYS B 118 -2.28 -2.68 32.58
C CYS B 118 -3.33 -3.73 32.18
N LEU B 119 -3.94 -3.50 31.01
CA LEU B 119 -4.86 -4.45 30.42
C LEU B 119 -4.02 -5.59 29.90
N THR B 120 -4.43 -6.82 30.19
CA THR B 120 -3.64 -8.00 29.86
C THR B 120 -4.44 -9.03 29.10
N VAL B 121 -4.44 -8.92 27.77
CA VAL B 121 -5.13 -9.88 26.93
C VAL B 121 -4.30 -11.17 26.74
N SER B 122 -4.57 -12.14 27.62
CA SER B 122 -4.04 -13.51 27.47
C SER B 122 -4.73 -14.20 26.29
N VAL B 123 -3.94 -14.80 25.40
CA VAL B 123 -4.47 -15.30 24.13
C VAL B 123 -3.87 -16.65 23.77
N GLU B 124 -4.73 -17.66 23.73
CA GLU B 124 -4.32 -19.03 23.46
C GLU B 124 -4.62 -19.39 22.02
N LEU B 125 -3.93 -20.41 21.53
CA LEU B 125 -3.91 -20.76 20.11
C LEU B 125 -3.66 -22.25 20.01
N LEU B 126 -4.06 -22.86 18.89
CA LEU B 126 -3.90 -24.30 18.70
C LEU B 126 -2.50 -24.68 18.25
N SER B 127 -1.97 -25.77 18.81
CA SER B 127 -0.68 -26.29 18.38
C SER B 127 -0.85 -27.67 17.78
N MET B 128 -1.21 -27.68 16.50
CA MET B 128 -1.40 -28.91 15.75
C MET B 128 -0.20 -29.85 15.83
N SER B 129 1.01 -29.32 15.80
CA SER B 129 2.21 -30.18 15.83
C SER B 129 2.38 -31.02 17.12
N SER B 130 1.63 -32.13 17.16
CA SER B 130 1.48 -32.98 18.36
C SER B 130 1.01 -32.09 19.55
N SER B 131 1.45 -32.45 20.77
CA SER B 131 0.70 -31.95 21.97
C SER B 131 1.08 -30.62 22.65
N SER B 132 1.89 -29.80 21.98
CA SER B 132 2.41 -28.53 22.54
C SER B 132 1.36 -27.57 23.09
N ARG B 133 1.84 -26.68 23.97
CA ARG B 133 1.10 -25.50 24.46
C ARG B 133 1.65 -24.24 23.81
N ILE B 134 0.80 -23.35 23.31
CA ILE B 134 1.34 -22.10 22.79
C ILE B 134 0.56 -20.90 23.31
N VAL B 135 1.22 -19.95 23.98
CA VAL B 135 0.40 -18.82 24.44
C VAL B 135 0.98 -17.45 24.16
N THR B 136 0.15 -16.49 23.74
CA THR B 136 0.67 -15.13 23.68
C THR B 136 0.15 -14.39 24.91
N HIS B 137 0.86 -13.36 25.35
CA HIS B 137 0.33 -12.44 26.33
C HIS B 137 0.74 -11.03 26.01
N ASP B 138 -0.28 -10.24 25.67
CA ASP B 138 -0.11 -8.84 25.32
C ASP B 138 -0.54 -7.95 26.49
N ILE B 139 0.26 -6.93 26.74
CA ILE B 139 0.00 -5.98 27.82
C ILE B 139 -0.26 -4.57 27.24
N PRO B 140 -1.53 -4.23 27.09
CA PRO B 140 -1.91 -2.85 26.81
C PRO B 140 -1.55 -1.97 28.01
N ILE B 141 -1.18 -0.72 27.75
CA ILE B 141 -0.71 0.18 28.79
C ILE B 141 -1.83 1.19 28.95
N LYS B 142 -2.35 1.26 30.18
CA LYS B 142 -3.65 1.83 30.44
C LYS B 142 -3.59 2.76 31.66
N VAL B 143 -4.62 3.60 31.81
CA VAL B 143 -4.76 4.48 32.97
C VAL B 143 -6.21 4.37 33.48
N ILE B 144 -6.38 4.05 34.74
CA ILE B 144 -7.71 4.16 35.32
C ILE B 144 -7.93 5.66 35.60
N PRO B 145 -8.98 6.25 34.98
CA PRO B 145 -9.18 7.69 35.15
C PRO B 145 -9.84 7.96 36.48
N ARG B 146 -9.68 9.19 36.96
CA ARG B 146 -10.04 9.60 38.31
C ARG B 146 -11.53 9.41 38.66
N LYS B 147 -11.80 9.42 39.97
CA LYS B 147 -13.17 9.46 40.54
C LYS B 147 -14.11 10.37 39.76
N LEU B 148 -13.74 11.64 39.64
CA LEU B 148 -14.65 12.69 39.24
C LEU B 148 -14.92 12.65 37.75
N TRP B 149 -13.83 12.62 36.97
CA TRP B 149 -13.84 12.52 35.50
C TRP B 149 -15.01 11.67 34.93
N LYS B 150 -15.51 10.71 35.71
CA LYS B 150 -16.58 9.82 35.30
C LYS B 150 -17.81 10.59 34.81
N ASP B 151 -18.46 11.29 35.73
CA ASP B 151 -19.58 12.18 35.41
C ASP B 151 -19.31 12.93 34.11
N LEU B 152 -18.24 13.73 34.12
CA LEU B 152 -17.98 14.77 33.13
C LEU B 152 -17.44 14.25 31.78
N GLN B 153 -17.17 12.95 31.69
CA GLN B 153 -16.79 12.34 30.40
C GLN B 153 -17.76 11.24 29.95
N GLU B 154 -19.02 11.66 29.81
CA GLU B 154 -20.15 10.86 29.39
C GLU B 154 -20.52 11.28 27.96
N PRO B 155 -21.01 10.34 27.11
CA PRO B 155 -21.36 10.60 25.70
C PRO B 155 -22.87 10.68 25.32
N VAL B 156 -23.69 9.79 25.86
CA VAL B 156 -25.13 9.69 25.55
C VAL B 156 -25.89 11.03 25.62
N VAL B 157 -26.73 11.31 24.60
CA VAL B 157 -27.67 12.47 24.59
C VAL B 157 -28.79 12.36 23.52
N PRO B 158 -30.08 12.43 23.95
CA PRO B 158 -31.23 12.22 23.06
C PRO B 158 -31.73 13.47 22.33
N ASP B 159 -31.48 13.55 21.02
CA ASP B 159 -31.63 14.77 20.24
C ASP B 159 -32.33 14.63 18.87
N PRO B 160 -33.41 15.39 18.62
CA PRO B 160 -34.39 15.09 17.55
C PRO B 160 -34.64 15.99 16.29
N ASP B 161 -33.72 16.82 15.83
CA ASP B 161 -34.04 17.86 14.76
C ASP B 161 -34.50 17.25 13.41
N VAL B 162 -33.57 16.67 12.64
CA VAL B 162 -33.93 15.99 11.38
C VAL B 162 -33.18 14.67 11.19
N SER B 163 -33.90 13.56 11.10
CA SER B 163 -33.28 12.24 10.99
C SER B 163 -33.49 11.57 9.64
N ILE B 164 -32.53 10.75 9.22
CA ILE B 164 -32.58 10.06 7.93
C ILE B 164 -31.62 8.86 7.86
N TYR B 165 -32.10 7.79 7.22
CA TYR B 165 -31.31 6.62 6.82
C TYR B 165 -30.29 6.97 5.72
N LEU B 166 -29.12 6.33 5.79
CA LEU B 166 -27.99 6.68 4.93
C LEU B 166 -27.86 5.77 3.71
N PRO B 167 -27.17 6.23 2.65
CA PRO B 167 -26.99 5.40 1.47
C PRO B 167 -25.99 4.28 1.73
N VAL B 168 -25.33 3.80 0.68
CA VAL B 168 -24.21 2.90 0.88
C VAL B 168 -23.13 3.76 1.54
N LEU B 169 -22.71 3.37 2.75
CA LEU B 169 -21.69 4.11 3.50
C LEU B 169 -20.29 3.94 2.88
N LYS B 170 -20.16 3.03 1.92
CA LYS B 170 -18.91 2.89 1.18
C LYS B 170 -18.93 3.57 -0.20
N THR B 171 -20.11 3.75 -0.80
CA THR B 171 -20.21 4.57 -2.02
C THR B 171 -20.08 6.04 -1.63
N MET B 172 -20.83 6.43 -0.61
CA MET B 172 -20.72 7.72 0.05
C MET B 172 -19.24 8.06 0.31
N LYS B 173 -18.53 7.10 0.87
CA LYS B 173 -17.10 7.22 1.20
C LYS B 173 -16.19 7.37 -0.04
N SER B 174 -16.39 6.51 -1.04
CA SER B 174 -15.69 6.63 -2.34
C SER B 174 -15.69 8.08 -2.86
N VAL B 175 -16.64 8.88 -2.36
CA VAL B 175 -16.77 10.31 -2.73
C VAL B 175 -15.92 11.23 -1.87
N VAL B 176 -15.93 11.00 -0.55
CA VAL B 176 -15.31 11.96 0.34
C VAL B 176 -13.80 12.02 0.08
N GLU B 177 -13.20 10.85 -0.16
CA GLU B 177 -11.77 10.80 -0.39
C GLU B 177 -11.38 11.76 -1.53
N LYS B 178 -12.30 11.93 -2.47
CA LYS B 178 -12.06 12.80 -3.62
C LYS B 178 -12.34 14.24 -3.25
N MET B 179 -13.42 14.45 -2.51
CA MET B 179 -13.75 15.81 -2.06
C MET B 179 -12.63 16.39 -1.20
N LYS B 180 -12.07 15.59 -0.29
CA LYS B 180 -10.99 16.09 0.58
C LYS B 180 -9.74 16.52 -0.22
N ASN B 181 -9.64 16.08 -1.48
CA ASN B 181 -8.60 16.54 -2.39
C ASN B 181 -8.79 18.02 -2.69
N ILE B 182 -10.06 18.40 -2.83
CA ILE B 182 -10.48 19.69 -3.37
C ILE B 182 -10.77 20.72 -2.27
N SER B 183 -11.48 20.30 -1.24
CA SER B 183 -11.67 21.15 -0.05
C SER B 183 -11.68 20.40 1.27
N ASN B 184 -11.50 21.18 2.32
CA ASN B 184 -11.39 20.73 3.69
C ASN B 184 -12.72 20.96 4.40
N HIS B 185 -13.51 21.90 3.87
CA HIS B 185 -14.87 22.19 4.34
C HIS B 185 -15.89 21.33 3.60
N LEU B 186 -16.81 20.75 4.35
CA LEU B 186 -17.91 19.97 3.79
C LEU B 186 -19.29 20.42 4.32
N VAL B 187 -20.27 20.56 3.43
CA VAL B 187 -21.63 20.93 3.86
C VAL B 187 -22.59 19.77 3.72
N ILE B 188 -23.33 19.47 4.80
CA ILE B 188 -24.27 18.35 4.81
C ILE B 188 -25.73 18.80 4.71
N GLU B 189 -26.43 18.25 3.72
CA GLU B 189 -27.85 18.51 3.58
C GLU B 189 -28.66 17.20 3.59
N ALA B 190 -29.76 17.23 4.34
CA ALA B 190 -30.72 16.12 4.41
C ALA B 190 -32.15 16.68 4.26
N ASN B 191 -33.14 15.78 4.25
CA ASN B 191 -34.46 16.12 3.73
C ASN B 191 -35.65 15.33 4.32
N LEU B 192 -36.86 15.73 3.94
CA LEU B 192 -38.09 15.00 4.28
C LEU B 192 -38.53 14.05 3.16
N ASP B 193 -37.72 13.98 2.10
CA ASP B 193 -38.01 13.18 0.93
C ASP B 193 -36.78 12.30 0.60
N GLY B 194 -36.20 11.69 1.61
CA GLY B 194 -35.04 10.79 1.46
C GLY B 194 -33.84 11.34 0.71
N GLU B 195 -33.79 12.65 0.56
CA GLU B 195 -32.76 13.39 -0.18
C GLU B 195 -31.54 13.67 0.72
N LEU B 196 -30.34 13.64 0.14
CA LEU B 196 -29.10 13.91 0.86
C LEU B 196 -28.04 14.48 -0.08
N ASN B 197 -27.37 15.55 0.36
CA ASN B 197 -26.43 16.30 -0.50
C ASN B 197 -25.07 16.55 0.12
N LEU B 198 -24.03 15.95 -0.47
CA LEU B 198 -22.65 16.20 -0.06
C LEU B 198 -22.08 17.36 -0.86
N LYS B 199 -21.68 18.42 -0.16
CA LYS B 199 -21.43 19.71 -0.80
C LYS B 199 -20.09 20.39 -0.46
N ILE B 200 -19.24 20.53 -1.48
CA ILE B 200 -18.04 21.37 -1.42
C ILE B 200 -18.23 22.54 -2.35
N GLU B 201 -17.83 23.74 -1.92
CA GLU B 201 -17.75 24.87 -2.83
C GLU B 201 -16.53 25.77 -2.57
N THR B 202 -15.53 25.63 -3.44
CA THR B 202 -14.34 26.47 -3.44
C THR B 202 -14.48 27.43 -4.61
N GLU B 203 -13.58 28.41 -4.70
CA GLU B 203 -13.73 29.48 -5.68
C GLU B 203 -13.33 29.02 -7.08
N LEU B 204 -12.45 28.02 -7.15
CA LEU B 204 -11.94 27.55 -8.43
C LEU B 204 -12.82 26.40 -8.94
N VAL B 205 -13.45 25.66 -8.02
CA VAL B 205 -14.38 24.56 -8.34
C VAL B 205 -15.46 24.32 -7.27
N CYS B 206 -16.68 24.03 -7.70
CA CYS B 206 -17.74 23.66 -6.76
C CYS B 206 -18.23 22.27 -7.10
N VAL B 207 -18.21 21.40 -6.09
CA VAL B 207 -18.50 19.99 -6.24
C VAL B 207 -19.63 19.64 -5.27
N THR B 208 -20.75 19.14 -5.77
CA THR B 208 -21.83 18.71 -4.89
C THR B 208 -22.30 17.30 -5.26
N THR B 209 -22.96 16.60 -4.33
CA THR B 209 -23.43 15.23 -4.57
C THR B 209 -24.84 14.99 -4.01
N HIS B 210 -25.65 14.25 -4.77
CA HIS B 210 -27.09 14.10 -4.52
C HIS B 210 -27.44 12.66 -4.24
N PHE B 211 -27.66 12.32 -2.97
CA PHE B 211 -27.98 10.95 -2.59
C PHE B 211 -29.49 10.73 -2.39
N LYS B 212 -30.19 10.55 -3.51
CA LYS B 212 -31.66 10.41 -3.53
C LYS B 212 -32.18 9.10 -2.92
N ASP B 213 -33.51 8.96 -2.97
CA ASP B 213 -34.24 7.74 -2.61
C ASP B 213 -33.80 7.04 -1.30
N LEU B 214 -33.92 7.74 -0.17
CA LEU B 214 -33.62 7.09 1.11
C LEU B 214 -34.88 6.85 1.94
N GLY B 215 -34.72 6.87 3.27
CA GLY B 215 -35.85 6.76 4.17
C GLY B 215 -35.83 7.88 5.19
N ASN B 216 -36.69 7.78 6.19
CA ASN B 216 -36.71 8.70 7.32
C ASN B 216 -37.47 8.08 8.50
N PRO B 217 -36.89 8.15 9.71
CA PRO B 217 -37.54 7.65 10.93
C PRO B 217 -38.64 8.59 11.46
N PRO B 218 -39.74 8.01 12.00
CA PRO B 218 -40.79 8.71 12.75
C PRO B 218 -40.85 8.43 14.27
N LEU B 219 -40.70 9.48 15.09
CA LEU B 219 -40.93 9.37 16.55
C LEU B 219 -42.26 10.03 16.95
N ALA B 220 -42.69 9.79 18.19
CA ALA B 220 -44.02 10.24 18.69
C ALA B 220 -43.99 10.81 20.12
N SER B 221 -45.11 11.42 20.54
CA SER B 221 -45.24 11.96 21.90
C SER B 221 -46.38 11.31 22.67
N GLU B 222 -46.84 11.99 23.73
CA GLU B 222 -47.95 11.55 24.58
C GLU B 222 -49.28 12.21 24.20
N SER B 223 -50.04 11.50 23.36
CA SER B 223 -51.25 12.02 22.74
C SER B 223 -52.11 10.84 22.28
N THR B 224 -52.93 11.06 21.25
CA THR B 224 -53.79 10.00 20.72
C THR B 224 -53.77 9.88 19.18
N HIS B 225 -52.82 10.56 18.53
CA HIS B 225 -52.71 10.51 17.07
C HIS B 225 -51.27 10.15 16.62
N GLU B 226 -50.80 10.71 15.50
CA GLU B 226 -49.43 10.42 15.03
C GLU B 226 -48.36 11.11 15.91
N ASP B 227 -48.41 12.45 15.95
CA ASP B 227 -47.54 13.26 16.82
C ASP B 227 -47.79 14.77 16.67
N ARG B 228 -46.96 15.58 17.33
CA ARG B 228 -47.02 17.04 17.21
C ARG B 228 -46.39 17.56 15.89
N ASN B 229 -46.48 18.87 15.68
CA ASN B 229 -45.86 19.53 14.52
C ASN B 229 -44.87 20.62 14.94
N VAL B 230 -44.08 21.08 13.98
CA VAL B 230 -43.33 22.33 14.14
C VAL B 230 -43.48 23.17 12.85
N GLU B 231 -42.49 24.02 12.55
CA GLU B 231 -42.49 24.81 11.33
C GLU B 231 -41.11 24.77 10.63
N HIS B 232 -40.63 23.56 10.33
CA HIS B 232 -39.31 23.40 9.74
C HIS B 232 -39.32 22.85 8.30
N MET B 233 -38.16 22.90 7.65
CA MET B 233 -37.99 22.60 6.24
C MET B 233 -36.68 21.81 6.05
N ALA B 234 -35.94 22.06 4.97
CA ALA B 234 -34.65 21.40 4.69
C ALA B 234 -33.56 21.73 5.73
N GLU B 235 -32.42 21.03 5.68
CA GLU B 235 -31.38 21.15 6.71
C GLU B 235 -29.90 21.12 6.26
N VAL B 236 -29.25 22.29 6.29
CA VAL B 236 -27.83 22.41 5.94
C VAL B 236 -26.94 22.43 7.18
N HIS B 237 -25.63 22.41 6.95
CA HIS B 237 -24.59 22.69 7.97
C HIS B 237 -23.23 22.15 7.53
N ILE B 238 -22.16 22.87 7.88
CA ILE B 238 -20.81 22.58 7.39
C ILE B 238 -19.98 21.68 8.34
N ASP B 239 -18.79 21.26 7.87
CA ASP B 239 -17.94 20.32 8.62
C ASP B 239 -16.49 20.21 8.09
N ILE B 240 -15.80 19.12 8.49
CA ILE B 240 -14.42 18.82 8.02
C ILE B 240 -14.23 17.36 7.54
N ARG B 241 -12.96 16.99 7.39
CA ARG B 241 -12.47 15.63 7.19
C ARG B 241 -12.69 14.76 8.43
N LYS B 242 -13.52 15.21 9.37
CA LYS B 242 -13.91 14.39 10.51
C LYS B 242 -14.93 13.35 10.04
N LEU B 243 -15.78 13.74 9.10
CA LEU B 243 -16.70 12.81 8.44
C LEU B 243 -15.93 11.63 7.85
N LEU B 244 -14.84 11.95 7.16
CA LEU B 244 -13.96 10.95 6.56
C LEU B 244 -13.32 9.96 7.57
N GLN B 245 -13.18 10.40 8.83
CA GLN B 245 -12.69 9.52 9.89
C GLN B 245 -13.68 8.38 10.20
N PHE B 246 -14.89 8.75 10.63
CA PHE B 246 -15.90 7.78 11.02
C PHE B 246 -16.23 6.83 9.88
N LEU B 247 -16.05 7.31 8.65
CA LEU B 247 -16.45 6.59 7.44
C LEU B 247 -15.48 5.46 7.07
N ALA B 248 -14.18 5.70 7.28
CA ALA B 248 -13.12 4.74 6.96
C ALA B 248 -13.15 3.42 7.74
N GLY B 249 -13.89 3.36 8.84
CA GLY B 249 -13.96 2.14 9.67
C GLY B 249 -15.16 1.25 9.38
N GLN B 250 -16.08 1.76 8.54
CA GLN B 250 -17.34 1.09 8.25
C GLN B 250 -17.17 0.23 7.01
N GLN B 251 -16.63 -0.96 7.22
CA GLN B 251 -16.23 -1.83 6.13
C GLN B 251 -17.19 -2.98 6.00
N VAL B 252 -18.05 -3.12 7.00
CA VAL B 252 -19.21 -3.98 6.93
C VAL B 252 -20.47 -3.11 7.00
N ASN B 253 -20.80 -2.49 5.87
CA ASN B 253 -22.03 -1.70 5.69
C ASN B 253 -23.10 -1.93 6.78
N PRO B 254 -23.19 -1.04 7.78
CA PRO B 254 -24.08 -1.21 8.95
C PRO B 254 -25.56 -1.56 8.63
N THR B 255 -26.10 -2.53 9.37
CA THR B 255 -27.46 -3.07 9.15
C THR B 255 -28.53 -2.00 9.33
N LYS B 256 -28.18 -0.98 10.08
CA LYS B 256 -28.99 0.22 10.24
C LYS B 256 -28.01 1.39 10.16
N ALA B 257 -28.24 2.31 9.25
CA ALA B 257 -27.36 3.47 9.14
C ALA B 257 -28.14 4.78 9.17
N LEU B 258 -27.71 5.71 10.02
CA LEU B 258 -28.48 6.94 10.28
C LEU B 258 -27.65 8.23 10.32
N CYS B 259 -28.29 9.36 10.01
CA CYS B 259 -27.65 10.67 10.04
C CYS B 259 -28.69 11.72 10.42
N ASN B 260 -28.76 12.01 11.71
CA ASN B 260 -29.67 13.06 12.18
C ASN B 260 -28.99 14.41 12.27
N ILE B 261 -29.23 15.26 11.29
CA ILE B 261 -28.79 16.64 11.39
C ILE B 261 -29.59 17.33 12.50
N VAL B 262 -28.86 18.03 13.36
CA VAL B 262 -29.46 18.81 14.39
C VAL B 262 -29.19 20.25 14.00
N ASN B 263 -30.29 20.91 13.58
CA ASN B 263 -30.43 22.36 13.63
C ASN B 263 -29.10 23.13 13.39
N ASN B 264 -28.40 22.79 12.30
CA ASN B 264 -27.17 23.50 11.85
C ASN B 264 -25.89 23.53 12.76
N LYS B 265 -25.78 22.66 13.77
CA LYS B 265 -24.56 22.63 14.63
C LYS B 265 -24.05 21.23 15.07
N MET B 266 -24.91 20.24 14.93
CA MET B 266 -24.54 18.87 15.23
C MET B 266 -24.56 18.13 13.91
N VAL B 267 -23.97 16.94 13.92
CA VAL B 267 -24.29 15.88 12.99
C VAL B 267 -24.18 14.63 13.83
N HIS B 268 -25.24 13.83 13.80
CA HIS B 268 -25.30 12.61 14.57
C HIS B 268 -25.09 11.49 13.60
N PHE B 269 -24.55 10.37 14.09
CA PHE B 269 -24.66 9.09 13.39
C PHE B 269 -25.08 7.95 14.31
N ASP B 270 -26.10 7.20 13.91
CA ASP B 270 -26.56 6.04 14.70
C ASP B 270 -26.36 4.71 13.96
N LEU B 271 -25.19 4.12 14.13
CA LEU B 271 -24.94 2.82 13.53
C LEU B 271 -25.20 1.74 14.54
N LEU B 272 -26.04 0.78 14.16
CA LEU B 272 -26.02 -0.51 14.81
C LEU B 272 -26.03 -1.57 13.74
N HIS B 273 -25.04 -2.46 13.79
CA HIS B 273 -24.98 -3.59 12.89
C HIS B 273 -24.78 -4.94 13.57
N GLU B 274 -25.82 -5.79 13.46
CA GLU B 274 -25.90 -7.00 14.29
C GLU B 274 -25.74 -6.46 15.73
N ASP B 275 -25.17 -7.24 16.63
CA ASP B 275 -25.26 -6.89 18.05
C ASP B 275 -24.67 -5.53 18.46
N VAL B 276 -23.68 -5.03 17.72
CA VAL B 276 -22.83 -3.90 18.20
C VAL B 276 -23.26 -2.48 17.73
N SER B 277 -23.97 -1.76 18.60
CA SER B 277 -24.40 -0.39 18.23
C SER B 277 -23.29 0.62 18.47
N LEU B 278 -23.13 1.52 17.51
CA LEU B 278 -22.05 2.50 17.52
C LEU B 278 -22.58 3.86 17.13
N GLN B 279 -22.19 4.86 17.92
CA GLN B 279 -22.71 6.21 17.84
C GLN B 279 -21.53 7.16 17.62
N TYR B 280 -21.68 8.09 16.68
CA TYR B 280 -20.57 9.01 16.34
C TYR B 280 -21.07 10.44 16.04
N PHE B 281 -20.36 11.42 16.58
CA PHE B 281 -20.81 12.81 16.69
C PHE B 281 -19.89 13.86 16.08
N ILE B 282 -20.20 14.41 14.91
CA ILE B 282 -19.42 15.56 14.40
C ILE B 282 -20.03 16.97 14.66
N PRO B 283 -19.28 17.87 15.33
CA PRO B 283 -19.52 19.31 15.45
C PRO B 283 -19.39 20.07 14.12
N ALA B 284 -19.77 21.36 14.08
CA ALA B 284 -20.08 22.04 12.79
C ALA B 284 -19.12 23.11 12.19
N LEU B 285 -18.35 23.82 13.00
CA LEU B 285 -17.50 24.87 12.38
C LEU B 285 -15.98 24.61 12.32
N SER B 286 -15.41 24.89 11.14
CA SER B 286 -13.97 24.80 10.88
C SER B 286 -13.30 23.49 11.29
N ASP C 13 -28.28 23.23 -25.54
CA ASP C 13 -28.82 24.59 -25.27
C ASP C 13 -28.15 25.66 -26.13
N GLN C 14 -27.56 26.67 -25.49
CA GLN C 14 -26.66 27.61 -26.18
C GLN C 14 -25.32 27.64 -25.46
N TYR C 15 -24.30 27.09 -26.13
CA TYR C 15 -23.04 26.71 -25.49
C TYR C 15 -21.88 26.50 -26.48
N SER C 16 -20.66 26.85 -26.06
CA SER C 16 -19.44 26.44 -26.77
C SER C 16 -19.42 24.94 -27.16
N LEU C 17 -19.81 24.07 -26.22
CA LEU C 17 -19.70 22.60 -26.36
C LEU C 17 -20.70 21.87 -25.45
N VAL C 18 -21.17 20.73 -25.92
CA VAL C 18 -21.93 19.80 -25.10
C VAL C 18 -21.62 18.37 -25.54
N ALA C 19 -21.49 17.48 -24.56
CA ALA C 19 -21.09 16.10 -24.77
C ALA C 19 -21.67 15.20 -23.68
N SER C 20 -22.53 14.26 -24.05
CA SER C 20 -22.98 13.19 -23.17
C SER C 20 -22.18 11.91 -23.41
N LEU C 21 -21.88 11.19 -22.32
CA LEU C 21 -21.40 9.82 -22.43
C LEU C 21 -22.34 8.86 -21.68
N ASP C 22 -22.23 7.57 -22.02
CA ASP C 22 -22.92 6.55 -21.27
C ASP C 22 -21.88 5.79 -20.44
N ASN C 23 -20.63 5.85 -20.89
CA ASN C 23 -19.49 5.29 -20.15
C ASN C 23 -18.26 6.24 -20.01
N VAL C 24 -18.30 7.08 -18.96
CA VAL C 24 -17.23 8.02 -18.56
C VAL C 24 -15.80 7.46 -18.67
N ARG C 25 -15.65 6.16 -18.53
CA ARG C 25 -14.36 5.54 -18.38
C ARG C 25 -13.49 5.69 -19.61
N ASN C 26 -14.12 5.94 -20.76
CA ASN C 26 -13.40 6.15 -22.01
C ASN C 26 -12.65 7.49 -22.03
N LEU C 27 -13.30 8.56 -21.59
CA LEU C 27 -12.59 9.82 -21.36
C LEU C 27 -11.69 9.71 -20.12
N SER C 28 -12.22 9.14 -19.04
CA SER C 28 -11.52 9.04 -17.78
C SER C 28 -10.07 8.58 -17.98
N THR C 29 -9.89 7.35 -18.45
CA THR C 29 -8.54 6.74 -18.57
C THR C 29 -7.58 7.45 -19.55
N ILE C 30 -7.85 7.38 -20.86
CA ILE C 30 -7.02 8.11 -21.83
C ILE C 30 -6.63 9.52 -21.36
N LEU C 31 -7.54 10.16 -20.64
CA LEU C 31 -7.28 11.43 -19.96
C LEU C 31 -6.24 11.21 -18.88
N LYS C 32 -6.53 10.23 -18.01
CA LYS C 32 -5.66 9.82 -16.91
C LYS C 32 -4.22 9.54 -17.36
N ALA C 33 -4.08 9.15 -18.63
CA ALA C 33 -2.84 8.60 -19.21
C ALA C 33 -1.89 9.65 -19.78
N ILE C 34 -2.13 10.90 -19.42
CA ILE C 34 -1.27 12.01 -19.79
C ILE C 34 -1.20 13.01 -18.65
N HIS C 35 -1.61 12.59 -17.46
CA HIS C 35 -1.80 13.53 -16.37
C HIS C 35 -0.58 13.67 -15.47
N PHE C 36 0.34 14.55 -15.85
CA PHE C 36 1.48 14.84 -14.99
C PHE C 36 1.55 16.28 -14.52
N ARG C 37 1.50 17.23 -15.45
CA ARG C 37 1.46 18.64 -15.10
C ARG C 37 0.13 18.93 -14.39
N GLU C 38 0.10 20.02 -13.62
CA GLU C 38 -1.13 20.44 -12.91
C GLU C 38 -2.33 20.73 -13.83
N HIS C 39 -2.13 21.48 -14.91
CA HIS C 39 -3.22 21.85 -15.80
C HIS C 39 -3.07 21.25 -17.19
N ALA C 40 -4.02 21.56 -18.08
CA ALA C 40 -3.93 21.18 -19.51
C ALA C 40 -4.74 22.10 -20.44
N THR C 41 -4.29 22.20 -21.69
CA THR C 41 -5.07 22.88 -22.73
C THR C 41 -5.87 21.86 -23.54
N CYS C 42 -7.18 21.97 -23.47
CA CYS C 42 -8.08 21.16 -24.29
C CYS C 42 -8.79 21.99 -25.34
N PHE C 43 -8.12 22.10 -26.48
CA PHE C 43 -8.69 22.68 -27.69
C PHE C 43 -9.73 21.69 -28.19
N ALA C 44 -10.98 22.15 -28.32
CA ALA C 44 -12.06 21.33 -28.91
C ALA C 44 -12.46 21.88 -30.27
N THR C 45 -12.16 21.06 -31.28
CA THR C 45 -12.58 21.27 -32.65
C THR C 45 -13.94 20.65 -32.80
N LYS C 46 -14.53 20.80 -33.99
CA LYS C 46 -15.81 20.16 -34.31
C LYS C 46 -15.66 18.63 -34.52
N ASN C 47 -14.42 18.13 -34.43
CA ASN C 47 -14.08 16.71 -34.64
C ASN C 47 -14.01 15.84 -33.36
N GLY C 48 -13.67 16.47 -32.23
CA GLY C 48 -13.57 15.77 -30.95
C GLY C 48 -12.95 16.65 -29.89
N ILE C 49 -12.26 16.04 -28.92
CA ILE C 49 -11.41 16.83 -28.01
C ILE C 49 -10.00 16.29 -27.96
N LYS C 50 -9.06 17.20 -28.16
CA LYS C 50 -7.65 16.96 -27.97
C LYS C 50 -7.22 17.81 -26.77
N VAL C 51 -6.79 17.14 -25.71
CA VAL C 51 -6.29 17.81 -24.51
C VAL C 51 -4.76 17.63 -24.50
N THR C 52 -4.01 18.69 -24.19
CA THR C 52 -2.55 18.61 -24.27
C THR C 52 -1.79 19.08 -23.03
N VAL C 53 -0.78 18.29 -22.67
CA VAL C 53 0.05 18.53 -21.50
C VAL C 53 1.41 18.96 -22.01
N GLU C 54 1.91 20.09 -21.53
CA GLU C 54 3.10 20.73 -22.05
C GLU C 54 4.08 20.89 -20.91
N ASN C 55 5.16 20.09 -20.88
CA ASN C 55 5.97 20.08 -19.66
C ASN C 55 6.91 21.27 -19.43
N ALA C 56 8.17 21.13 -19.85
CA ALA C 56 9.08 22.27 -19.83
C ALA C 56 9.72 22.55 -21.17
N LYS C 57 8.91 22.75 -22.19
CA LYS C 57 9.39 23.26 -23.47
C LYS C 57 10.18 22.22 -24.30
N CYS C 58 10.31 21.01 -23.77
CA CYS C 58 10.85 19.91 -24.56
C CYS C 58 9.89 18.71 -24.63
N VAL C 59 8.73 18.82 -23.97
CA VAL C 59 7.82 17.71 -23.97
C VAL C 59 6.37 18.16 -24.14
N GLN C 60 5.83 17.83 -25.32
CA GLN C 60 4.42 17.86 -25.48
C GLN C 60 3.91 16.49 -25.06
N ALA C 61 2.66 16.45 -24.61
CA ALA C 61 1.91 15.25 -24.46
C ALA C 61 0.58 15.65 -25.01
N ASN C 62 0.12 14.94 -26.03
CA ASN C 62 -1.20 15.20 -26.60
C ASN C 62 -2.16 14.11 -26.16
N ALA C 63 -3.46 14.33 -26.39
CA ALA C 63 -4.51 13.33 -26.13
C ALA C 63 -5.78 13.67 -26.87
N PHE C 64 -6.01 13.00 -28.00
CA PHE C 64 -7.17 13.26 -28.87
C PHE C 64 -8.25 12.19 -28.76
N ILE C 65 -9.38 12.50 -28.13
CA ILE C 65 -10.58 11.65 -28.23
C ILE C 65 -11.50 12.17 -29.34
N GLN C 66 -11.77 11.34 -30.36
CA GLN C 66 -12.72 11.72 -31.43
C GLN C 66 -14.16 11.60 -30.93
N ALA C 67 -15.05 12.38 -31.54
CA ALA C 67 -16.44 12.47 -31.10
C ALA C 67 -17.22 11.17 -31.22
N GLY C 68 -16.84 10.33 -32.17
CA GLY C 68 -17.49 9.04 -32.42
C GLY C 68 -17.47 8.10 -31.23
N ILE C 69 -16.69 8.45 -30.21
CA ILE C 69 -16.62 7.71 -28.96
C ILE C 69 -17.60 8.28 -27.92
N PHE C 70 -17.74 9.61 -27.90
CA PHE C 70 -18.80 10.30 -27.17
C PHE C 70 -20.16 9.92 -27.77
N GLN C 71 -21.06 9.36 -26.95
CA GLN C 71 -22.38 8.95 -27.42
C GLN C 71 -23.24 10.15 -27.89
N GLU C 72 -22.84 11.36 -27.53
CA GLU C 72 -23.43 12.58 -28.12
C GLU C 72 -22.49 13.80 -28.01
N PHE C 73 -22.16 14.38 -29.16
CA PHE C 73 -21.15 15.44 -29.26
C PHE C 73 -21.62 16.58 -30.17
N LYS C 74 -21.52 17.81 -29.68
CA LYS C 74 -22.08 18.99 -30.36
C LYS C 74 -21.25 20.25 -30.03
N VAL C 75 -20.99 21.08 -31.04
CA VAL C 75 -20.07 22.20 -30.88
C VAL C 75 -20.39 23.38 -31.83
N GLN C 76 -20.78 24.50 -31.24
CA GLN C 76 -21.27 25.67 -31.98
C GLN C 76 -20.27 26.31 -32.94
N GLU C 77 -19.15 26.83 -32.43
CA GLU C 77 -18.13 27.43 -33.31
C GLU C 77 -16.80 26.71 -33.22
N GLU C 78 -16.15 26.53 -34.38
CA GLU C 78 -14.85 25.81 -34.53
C GLU C 78 -13.80 26.08 -33.45
N SER C 79 -13.89 27.24 -32.81
CA SER C 79 -13.15 27.47 -31.59
C SER C 79 -13.99 27.08 -30.37
N VAL C 80 -13.58 25.99 -29.72
CA VAL C 80 -13.82 25.77 -28.29
C VAL C 80 -12.44 25.36 -27.75
N THR C 81 -11.92 26.16 -26.82
CA THR C 81 -10.56 26.01 -26.29
C THR C 81 -10.54 26.53 -24.87
N PHE C 82 -9.61 26.01 -24.03
CA PHE C 82 -9.46 26.45 -22.62
C PHE C 82 -8.44 25.65 -21.81
N ARG C 83 -8.10 26.21 -20.65
CA ARG C 83 -7.26 25.57 -19.64
C ARG C 83 -8.18 25.05 -18.53
N ILE C 84 -7.81 23.94 -17.92
CA ILE C 84 -8.44 23.51 -16.66
C ILE C 84 -7.50 22.67 -15.79
N ASN C 85 -7.68 22.78 -14.48
CA ASN C 85 -7.10 21.83 -13.52
C ASN C 85 -7.33 20.40 -14.00
N LEU C 86 -6.28 19.81 -14.57
CA LEU C 86 -6.34 18.46 -15.10
C LEU C 86 -6.50 17.50 -13.94
N THR C 87 -5.87 17.87 -12.84
CA THR C 87 -5.84 17.08 -11.63
C THR C 87 -7.23 17.03 -11.00
N VAL C 88 -7.79 18.22 -10.79
CA VAL C 88 -9.07 18.41 -10.14
C VAL C 88 -10.25 18.05 -11.05
N LEU C 89 -10.07 18.15 -12.36
CA LEU C 89 -11.00 17.55 -13.32
C LEU C 89 -11.03 16.01 -13.19
N LEU C 90 -9.92 15.35 -13.51
CA LEU C 90 -9.83 13.87 -13.43
C LEU C 90 -10.35 13.37 -12.10
N ASP C 91 -10.12 14.14 -11.05
CA ASP C 91 -10.61 13.81 -9.71
C ASP C 91 -12.14 13.75 -9.64
N CYS C 92 -12.79 14.40 -10.60
CA CYS C 92 -14.24 14.56 -10.59
C CYS C 92 -14.92 13.44 -11.35
N LEU C 93 -14.37 13.07 -12.50
CA LEU C 93 -14.92 11.98 -13.29
C LEU C 93 -14.60 10.59 -12.70
N SER C 94 -13.95 10.61 -11.55
CA SER C 94 -13.77 9.41 -10.76
C SER C 94 -14.17 9.74 -9.31
N ILE C 95 -15.11 10.68 -9.17
CA ILE C 95 -15.62 11.12 -7.86
C ILE C 95 -15.98 9.93 -6.98
N PHE C 96 -16.54 8.88 -7.58
CA PHE C 96 -16.81 7.62 -6.84
C PHE C 96 -16.58 6.33 -7.64
N GLY C 97 -15.33 5.93 -7.81
CA GLY C 97 -15.09 4.62 -8.40
C GLY C 97 -13.68 4.18 -8.71
N SER C 98 -13.10 3.40 -7.82
CA SER C 98 -11.85 2.72 -8.12
C SER C 98 -12.25 1.28 -8.48
N SER C 99 -13.50 0.96 -8.14
CA SER C 99 -14.02 -0.40 -8.25
C SER C 99 -15.44 -0.40 -8.84
N PRO C 100 -15.55 -0.68 -10.16
CA PRO C 100 -16.84 -0.78 -10.80
C PRO C 100 -17.39 -2.20 -10.68
N MET C 101 -18.28 -2.56 -11.62
CA MET C 101 -18.89 -3.88 -11.72
C MET C 101 -19.61 -3.92 -13.08
N PRO C 102 -20.64 -4.78 -13.26
CA PRO C 102 -21.57 -4.57 -14.40
C PRO C 102 -22.26 -3.18 -14.41
N GLY C 103 -22.37 -2.53 -13.24
CA GLY C 103 -22.82 -1.15 -13.15
C GLY C 103 -21.83 -0.20 -13.78
N THR C 104 -22.34 0.88 -14.37
CA THR C 104 -21.53 1.80 -15.19
C THR C 104 -21.52 3.25 -14.68
N LEU C 105 -20.63 4.04 -15.29
CA LEU C 105 -20.44 5.45 -14.97
C LEU C 105 -20.65 6.34 -16.21
N THR C 106 -21.51 7.34 -16.07
CA THR C 106 -21.87 8.22 -17.18
C THR C 106 -21.37 9.65 -16.98
N ALA C 107 -20.98 10.29 -18.08
CA ALA C 107 -20.52 11.68 -18.08
C ALA C 107 -21.29 12.54 -19.09
N LEU C 108 -21.61 13.75 -18.67
CA LEU C 108 -22.19 14.75 -19.54
C LEU C 108 -21.54 16.08 -19.16
N ARG C 109 -21.26 16.95 -20.13
CA ARG C 109 -20.48 18.15 -19.87
C ARG C 109 -20.91 19.33 -20.73
N MET C 110 -21.01 20.51 -20.11
CA MET C 110 -21.57 21.69 -20.79
C MET C 110 -20.80 23.01 -20.61
N CYS C 111 -20.05 23.43 -21.64
CA CYS C 111 -19.24 24.66 -21.59
C CYS C 111 -19.69 25.79 -22.54
N TYR C 112 -19.52 27.05 -22.13
CA TYR C 112 -19.66 28.20 -23.06
C TYR C 112 -18.68 29.39 -22.90
N GLN C 113 -19.17 30.59 -23.22
CA GLN C 113 -18.39 31.81 -23.55
C GLN C 113 -17.09 32.18 -22.80
N GLY C 114 -16.89 31.69 -21.58
CA GLY C 114 -15.66 32.03 -20.88
C GLY C 114 -15.85 32.28 -19.39
N TYR C 115 -16.71 31.49 -18.77
CA TYR C 115 -16.88 31.52 -17.33
C TYR C 115 -16.87 30.15 -16.63
N GLY C 116 -17.79 29.25 -16.99
CA GLY C 116 -17.98 28.01 -16.22
C GLY C 116 -17.93 26.68 -16.97
N TYR C 117 -17.21 25.70 -16.42
CA TYR C 117 -17.16 24.37 -17.02
C TYR C 117 -17.64 23.23 -16.11
N PRO C 118 -18.96 22.95 -16.12
CA PRO C 118 -19.58 21.92 -15.32
C PRO C 118 -19.61 20.53 -15.96
N LEU C 119 -19.72 19.54 -15.09
CA LEU C 119 -19.83 18.13 -15.46
C LEU C 119 -20.98 17.46 -14.71
N MET C 120 -21.66 16.55 -15.40
CA MET C 120 -22.76 15.81 -14.81
C MET C 120 -22.49 14.29 -14.85
N LEU C 121 -22.49 13.65 -13.68
CA LEU C 121 -22.20 12.23 -13.57
C LEU C 121 -23.17 11.50 -12.61
N PHE C 122 -23.74 10.39 -13.05
CA PHE C 122 -24.44 9.46 -12.15
C PHE C 122 -23.85 8.05 -12.18
N LEU C 123 -24.01 7.32 -11.08
CA LEU C 123 -23.58 5.92 -10.95
C LEU C 123 -24.75 5.05 -10.47
N GLU C 124 -24.97 3.92 -11.13
CA GLU C 124 -25.98 2.94 -10.69
C GLU C 124 -25.34 1.58 -10.37
N GLU C 125 -25.62 1.10 -9.16
CA GLU C 125 -25.04 -0.14 -8.62
C GLU C 125 -25.90 -0.72 -7.49
N GLY C 126 -26.66 -1.76 -7.83
CA GLY C 126 -27.43 -2.56 -6.88
C GLY C 126 -28.32 -1.94 -5.80
N GLY C 127 -29.07 -0.88 -6.14
CA GLY C 127 -30.05 -0.30 -5.18
C GLY C 127 -30.51 1.16 -5.26
N VAL C 128 -29.62 2.06 -5.69
CA VAL C 128 -29.89 3.50 -5.82
C VAL C 128 -29.00 4.12 -6.91
N VAL C 129 -29.41 5.24 -7.50
CA VAL C 129 -28.60 5.93 -8.52
C VAL C 129 -28.23 7.37 -8.11
N THR C 130 -27.00 7.79 -8.40
CA THR C 130 -26.37 8.96 -7.73
C THR C 130 -25.76 10.06 -8.61
N VAL C 131 -26.51 11.15 -8.80
CA VAL C 131 -26.04 12.29 -9.58
C VAL C 131 -25.11 13.19 -8.79
N CYS C 132 -24.00 13.57 -9.43
CA CYS C 132 -23.00 14.46 -8.85
C CYS C 132 -22.67 15.60 -9.81
N LYS C 133 -22.75 16.84 -9.30
CA LYS C 133 -22.71 18.05 -10.13
C LYS C 133 -21.45 18.91 -9.92
N ILE C 134 -20.58 18.92 -10.93
CA ILE C 134 -19.27 19.58 -10.85
C ILE C 134 -19.23 20.84 -11.70
N ASN C 135 -18.37 21.80 -11.33
CA ASN C 135 -18.26 23.06 -12.05
C ASN C 135 -16.81 23.54 -11.85
N THR C 136 -15.95 23.22 -12.80
CA THR C 136 -14.54 23.63 -12.73
C THR C 136 -14.31 24.78 -13.71
N GLN C 137 -13.62 25.84 -13.25
CA GLN C 137 -13.48 27.09 -13.99
C GLN C 137 -12.37 27.15 -15.03
N GLU C 138 -12.28 28.23 -15.80
CA GLU C 138 -11.30 28.33 -16.89
C GLU C 138 -10.33 29.52 -16.77
N PRO C 139 -9.02 29.22 -16.66
CA PRO C 139 -7.99 30.27 -16.76
C PRO C 139 -7.51 30.55 -18.20
N GLU C 140 -6.32 31.15 -18.30
CA GLU C 140 -5.69 31.64 -19.55
C GLU C 140 -5.71 30.67 -20.74
N GLU C 141 -5.30 31.17 -21.90
CA GLU C 141 -5.05 30.34 -23.07
C GLU C 141 -3.58 29.85 -23.08
N THR C 142 -2.75 30.44 -22.20
CA THR C 142 -1.30 30.14 -22.07
C THR C 142 -0.47 30.15 -23.40
N LEU C 143 0.78 29.66 -23.35
CA LEU C 143 1.62 29.68 -24.53
C LEU C 143 1.58 28.42 -25.39
N ASP C 144 0.78 28.46 -26.46
CA ASP C 144 0.72 27.37 -27.46
C ASP C 144 2.12 26.89 -27.80
N PHE C 145 2.29 25.57 -27.87
CA PHE C 145 3.58 24.99 -28.23
C PHE C 145 3.37 23.86 -29.20
N ASP C 146 3.93 24.01 -30.39
CA ASP C 146 3.69 23.12 -31.51
C ASP C 146 4.99 22.50 -32.01
N PHE C 147 5.04 21.17 -32.02
CA PHE C 147 6.26 20.45 -32.39
C PHE C 147 6.37 20.15 -33.89
N CYS C 148 6.71 18.89 -34.22
CA CYS C 148 7.19 18.53 -35.56
C CYS C 148 6.38 17.46 -36.27
N SER C 149 6.14 17.68 -37.56
CA SER C 149 5.61 16.67 -38.48
C SER C 149 6.30 16.82 -39.86
N THR C 150 7.61 16.56 -39.88
CA THR C 150 8.41 16.87 -41.07
C THR C 150 8.93 15.62 -41.83
N ASN C 151 9.85 14.85 -41.23
CA ASN C 151 10.08 13.45 -41.69
C ASN C 151 10.67 12.43 -40.70
N VAL C 152 10.41 11.15 -40.99
CA VAL C 152 10.33 10.08 -39.99
C VAL C 152 11.61 9.28 -39.64
N ILE C 153 12.44 8.98 -40.64
CA ILE C 153 13.47 7.93 -40.53
C ILE C 153 12.79 6.63 -40.06
N ASN C 154 13.44 5.85 -39.19
CA ASN C 154 12.92 4.55 -38.76
C ASN C 154 11.63 4.61 -37.91
N LYS C 155 10.66 3.74 -38.24
CA LYS C 155 9.42 3.58 -37.45
C LYS C 155 9.30 2.18 -36.85
N ILE C 156 8.72 2.08 -35.64
CA ILE C 156 8.73 0.81 -34.88
C ILE C 156 7.54 0.64 -33.93
N ILE C 157 6.65 -0.29 -34.24
CA ILE C 157 5.61 -0.70 -33.29
C ILE C 157 6.16 -1.78 -32.35
N LEU C 158 5.89 -1.65 -31.06
CA LEU C 158 6.10 -2.76 -30.12
C LEU C 158 4.85 -3.15 -29.31
N GLN C 159 5.00 -4.14 -28.44
CA GLN C 159 3.87 -4.78 -27.77
C GLN C 159 3.45 -4.06 -26.48
N SER C 160 2.20 -4.25 -26.12
CA SER C 160 1.62 -3.75 -24.87
C SER C 160 2.33 -4.45 -23.73
N GLU C 161 2.30 -5.79 -23.75
CA GLU C 161 2.90 -6.59 -22.68
C GLU C 161 4.38 -6.41 -22.38
N GLY C 162 5.23 -6.85 -23.31
CA GLY C 162 6.68 -6.96 -23.11
C GLY C 162 7.38 -5.67 -22.69
N LEU C 163 7.03 -4.56 -23.33
CA LEU C 163 7.71 -3.29 -23.07
C LEU C 163 7.40 -2.59 -21.73
N ARG C 164 6.21 -2.81 -21.17
CA ARG C 164 5.96 -2.35 -19.78
C ARG C 164 6.79 -3.19 -18.81
N GLU C 165 6.78 -4.51 -19.01
CA GLU C 165 7.64 -5.45 -18.28
C GLU C 165 9.10 -4.97 -18.20
N ALA C 166 9.63 -4.57 -19.35
CA ALA C 166 10.99 -4.07 -19.49
C ALA C 166 11.29 -2.82 -18.67
N PHE C 167 10.30 -1.92 -18.58
CA PHE C 167 10.41 -0.69 -17.80
C PHE C 167 10.59 -0.96 -16.29
N SER C 168 10.67 -2.25 -15.92
CA SER C 168 10.73 -2.69 -14.53
C SER C 168 11.85 -2.06 -13.69
N GLU C 169 13.02 -1.86 -14.29
CA GLU C 169 14.17 -1.27 -13.59
C GLU C 169 14.03 0.24 -13.55
N LEU C 170 13.78 0.78 -12.35
CA LEU C 170 13.60 2.24 -12.21
C LEU C 170 14.95 2.96 -12.04
N ASP C 171 15.35 3.66 -13.09
CA ASP C 171 16.71 4.17 -13.27
C ASP C 171 16.86 5.65 -12.93
N MET C 172 15.84 6.44 -13.27
CA MET C 172 15.74 7.87 -12.91
C MET C 172 16.84 8.77 -13.52
N THR C 173 17.58 8.25 -14.50
CA THR C 173 18.83 8.91 -14.98
C THR C 173 18.87 9.44 -16.43
N SER C 174 19.00 8.55 -17.43
CA SER C 174 19.18 8.96 -18.84
C SER C 174 18.73 7.92 -19.88
N GLU C 175 18.37 8.41 -21.07
CA GLU C 175 17.80 7.56 -22.13
C GLU C 175 18.48 7.65 -23.50
N VAL C 176 18.61 6.50 -24.15
CA VAL C 176 19.15 6.38 -25.52
C VAL C 176 18.39 5.30 -26.32
N LEU C 177 17.86 5.69 -27.47
CA LEU C 177 17.22 4.73 -28.39
C LEU C 177 18.12 4.36 -29.57
N GLN C 178 17.88 3.18 -30.13
CA GLN C 178 18.75 2.61 -31.16
C GLN C 178 17.96 1.73 -32.13
N ILE C 179 18.33 1.75 -33.40
CA ILE C 179 17.61 1.00 -34.45
C ILE C 179 18.56 0.55 -35.56
N THR C 180 18.80 -0.77 -35.64
CA THR C 180 19.97 -1.36 -36.32
C THR C 180 19.87 -1.58 -37.86
N MET C 181 21.03 -1.80 -38.49
CA MET C 181 21.15 -2.04 -39.95
C MET C 181 21.57 -3.48 -40.34
N SER C 182 20.70 -4.16 -41.10
CA SER C 182 20.91 -5.53 -41.61
C SER C 182 19.94 -5.89 -42.75
N PRO C 183 20.28 -6.88 -43.60
CA PRO C 183 19.34 -7.42 -44.61
C PRO C 183 17.96 -7.90 -44.13
N ASP C 184 17.89 -8.52 -42.94
CA ASP C 184 16.61 -9.07 -42.43
C ASP C 184 16.31 -8.76 -40.96
N LYS C 185 17.25 -9.14 -40.07
CA LYS C 185 17.07 -9.00 -38.61
C LYS C 185 17.78 -7.78 -38.01
N PRO C 186 16.99 -6.75 -37.61
CA PRO C 186 17.51 -5.52 -36.99
C PRO C 186 17.73 -5.68 -35.49
N TYR C 187 17.74 -4.56 -34.76
CA TYR C 187 17.70 -4.52 -33.29
C TYR C 187 17.24 -3.11 -32.82
N PHE C 188 16.55 -3.05 -31.68
CA PHE C 188 15.99 -1.80 -31.12
C PHE C 188 16.40 -1.66 -29.65
N ARG C 189 17.24 -0.67 -29.34
CA ARG C 189 17.93 -0.64 -28.04
C ARG C 189 17.59 0.48 -27.04
N LEU C 190 17.23 0.08 -25.83
CA LEU C 190 17.15 1.01 -24.69
C LEU C 190 18.45 0.91 -23.88
N SER C 191 18.75 1.97 -23.13
CA SER C 191 19.94 2.00 -22.28
C SER C 191 19.92 3.16 -21.31
N THR C 192 20.17 2.86 -20.04
CA THR C 192 20.24 3.88 -18.98
C THR C 192 21.65 4.06 -18.48
N PHE C 193 21.91 5.23 -17.90
CA PHE C 193 23.24 5.59 -17.42
C PHE C 193 23.15 6.32 -16.10
N GLY C 194 23.21 5.55 -15.01
CA GLY C 194 23.12 6.07 -13.65
C GLY C 194 24.33 5.72 -12.79
N ASN C 195 24.21 5.99 -11.49
CA ASN C 195 25.29 5.74 -10.55
C ASN C 195 25.68 4.26 -10.57
N ALA C 196 26.73 3.96 -11.32
CA ALA C 196 27.20 2.59 -11.47
C ALA C 196 26.09 1.66 -11.96
N GLY C 197 25.75 1.75 -13.24
CA GLY C 197 24.71 0.89 -13.79
C GLY C 197 24.22 1.25 -15.19
N SER C 198 24.86 0.69 -16.20
CA SER C 198 24.38 0.79 -17.57
C SER C 198 23.56 -0.46 -17.86
N SER C 199 22.34 -0.29 -18.36
CA SER C 199 21.43 -1.44 -18.45
C SER C 199 20.65 -1.37 -19.75
N HIS C 200 20.62 -2.48 -20.50
CA HIS C 200 20.21 -2.47 -21.92
C HIS C 200 19.05 -3.42 -22.28
N LEU C 201 17.94 -2.84 -22.76
CA LEU C 201 16.82 -3.63 -23.27
C LEU C 201 16.70 -3.52 -24.80
N ASP C 202 16.71 -4.66 -25.49
CA ASP C 202 16.58 -4.72 -26.97
C ASP C 202 15.77 -5.91 -27.52
N TYR C 203 14.77 -5.61 -28.37
CA TYR C 203 13.82 -6.63 -28.86
C TYR C 203 13.99 -7.03 -30.34
N PRO C 204 14.35 -8.29 -30.60
CA PRO C 204 14.40 -8.89 -31.93
C PRO C 204 13.04 -9.36 -32.45
N LYS C 205 12.87 -9.35 -33.78
CA LYS C 205 11.56 -9.44 -34.44
C LYS C 205 10.64 -10.62 -34.10
N ASP C 206 11.20 -11.75 -33.64
CA ASP C 206 10.41 -12.97 -33.42
C ASP C 206 9.16 -12.69 -32.58
N SER C 207 8.05 -13.28 -32.99
CA SER C 207 6.71 -12.96 -32.48
C SER C 207 6.42 -11.45 -32.49
N ASP C 208 6.33 -10.91 -33.71
CA ASP C 208 5.76 -9.60 -33.93
C ASP C 208 4.39 -9.77 -34.61
N LEU C 209 3.34 -9.51 -33.83
CA LEU C 209 1.95 -9.74 -34.24
C LEU C 209 1.39 -8.50 -34.94
N MET C 210 1.52 -7.37 -34.25
CA MET C 210 1.27 -6.04 -34.80
C MET C 210 2.51 -5.21 -34.43
N GLU C 211 3.62 -5.91 -34.24
CA GLU C 211 4.86 -5.34 -33.68
C GLU C 211 5.85 -5.20 -34.85
N ALA C 212 5.52 -4.29 -35.78
CA ALA C 212 6.25 -4.13 -37.05
C ALA C 212 7.38 -3.10 -36.98
N PHE C 213 8.48 -3.43 -37.67
CA PHE C 213 9.72 -2.64 -37.62
C PHE C 213 10.04 -2.02 -38.98
N HIS C 214 10.39 -0.74 -38.99
CA HIS C 214 10.92 -0.11 -40.21
C HIS C 214 12.18 0.60 -39.76
N CYS C 215 13.24 -0.18 -39.78
CA CYS C 215 14.62 0.24 -39.65
C CYS C 215 15.07 0.22 -41.09
N ASN C 216 15.50 1.39 -41.59
CA ASN C 216 15.77 1.57 -43.01
C ASN C 216 17.17 2.16 -43.23
N GLN C 217 17.64 2.91 -42.24
CA GLN C 217 19.00 3.45 -42.16
C GLN C 217 19.39 3.37 -40.69
N THR C 218 20.68 3.19 -40.40
CA THR C 218 21.16 3.04 -39.01
C THR C 218 21.16 4.38 -38.25
N GLN C 219 20.72 4.35 -36.98
CA GLN C 219 20.43 5.58 -36.20
C GLN C 219 20.38 5.40 -34.68
N VAL C 220 21.07 6.28 -33.94
CA VAL C 220 21.08 6.24 -32.46
C VAL C 220 20.98 7.64 -31.83
N ASN C 221 19.94 7.86 -30.99
CA ASN C 221 19.64 9.19 -30.42
C ASN C 221 19.58 9.21 -28.90
N ARG C 222 19.55 10.41 -28.33
CA ARG C 222 19.66 10.61 -26.88
C ARG C 222 18.48 11.41 -26.29
N TYR C 223 17.96 10.94 -25.17
CA TYR C 223 16.87 11.62 -24.46
C TYR C 223 17.17 11.84 -22.98
N LYS C 224 16.86 13.03 -22.49
CA LYS C 224 16.74 13.25 -21.06
C LYS C 224 15.55 12.39 -20.64
N ILE C 225 15.70 11.62 -19.57
CA ILE C 225 14.68 10.65 -19.16
C ILE C 225 13.70 11.24 -18.15
N SER C 226 14.04 12.44 -17.69
CA SER C 226 13.24 13.22 -16.72
C SER C 226 11.89 13.75 -17.24
N LEU C 227 11.68 13.65 -18.55
CA LEU C 227 10.54 14.27 -19.22
C LEU C 227 9.65 13.19 -19.80
N LEU C 228 10.30 12.24 -20.47
CA LEU C 228 9.69 11.07 -21.06
C LEU C 228 9.14 10.14 -19.98
N LYS C 229 9.58 10.35 -18.73
CA LYS C 229 9.26 9.50 -17.59
C LYS C 229 7.76 9.23 -17.44
N PRO C 230 6.95 10.28 -17.17
CA PRO C 230 5.50 10.06 -17.07
C PRO C 230 4.92 9.29 -18.24
N SER C 231 5.42 9.56 -19.45
CA SER C 231 4.98 8.88 -20.67
C SER C 231 4.84 7.37 -20.48
N THR C 232 5.97 6.68 -20.50
CA THR C 232 5.98 5.23 -20.36
C THR C 232 5.11 4.81 -19.16
N LYS C 233 5.55 5.18 -17.96
CA LYS C 233 4.80 4.86 -16.75
C LYS C 233 3.30 5.00 -17.04
N ALA C 234 2.82 6.24 -17.04
CA ALA C 234 1.38 6.55 -16.97
C ALA C 234 0.56 6.18 -18.21
N LEU C 235 1.21 6.09 -19.37
CA LEU C 235 0.48 5.85 -20.62
C LEU C 235 0.62 4.47 -21.25
N VAL C 236 1.83 3.88 -21.20
CA VAL C 236 2.08 2.62 -21.91
C VAL C 236 1.64 1.37 -21.14
N LEU C 237 0.34 1.31 -20.85
CA LEU C 237 -0.30 0.07 -20.44
C LEU C 237 -0.77 -0.64 -21.71
N SER C 238 -0.57 0.04 -22.83
CA SER C 238 -0.94 -0.41 -24.17
C SER C 238 0.26 -0.25 -25.10
N CYS C 239 0.12 -0.64 -26.37
CA CYS C 239 1.27 -0.69 -27.30
C CYS C 239 1.46 0.58 -28.14
N LYS C 240 2.71 0.85 -28.52
CA LYS C 240 3.07 2.16 -29.10
C LYS C 240 3.74 2.12 -30.47
N VAL C 241 4.00 3.32 -31.02
CA VAL C 241 4.87 3.47 -32.16
C VAL C 241 6.02 4.36 -31.74
N SER C 242 7.22 3.87 -31.98
CA SER C 242 8.44 4.65 -31.76
C SER C 242 8.89 5.16 -33.13
N ILE C 243 8.96 6.47 -33.28
CA ILE C 243 9.36 7.13 -34.54
C ILE C 243 10.35 8.27 -34.26
N ARG C 244 11.57 8.15 -34.77
CA ARG C 244 12.60 9.16 -34.52
C ARG C 244 12.80 10.09 -35.70
N THR C 245 12.56 11.39 -35.50
CA THR C 245 12.65 12.30 -36.62
C THR C 245 14.09 12.68 -36.90
N ASP C 246 14.34 13.25 -38.09
CA ASP C 246 15.62 13.85 -38.46
C ASP C 246 15.42 14.92 -39.51
N ASN C 247 14.33 15.67 -39.40
CA ASN C 247 14.04 16.71 -40.40
C ASN C 247 14.23 18.13 -39.90
N ARG C 248 13.55 18.48 -38.80
CA ARG C 248 13.81 19.76 -38.15
C ARG C 248 14.56 19.55 -36.82
N GLY C 249 14.64 18.28 -36.41
CA GLY C 249 15.47 17.81 -35.29
C GLY C 249 15.67 16.31 -35.33
N PHE C 250 16.11 15.74 -34.21
CA PHE C 250 16.16 14.29 -33.97
C PHE C 250 15.36 14.01 -32.69
N LEU C 251 14.14 13.47 -32.83
CA LEU C 251 13.22 13.43 -31.68
C LEU C 251 12.19 12.28 -31.62
N SER C 252 11.78 11.95 -30.40
CA SER C 252 10.90 10.80 -30.14
C SER C 252 9.42 11.15 -30.20
N LEU C 253 8.71 10.40 -31.03
CA LEU C 253 7.26 10.47 -31.13
C LEU C 253 6.67 9.11 -30.75
N GLN C 254 6.60 8.85 -29.43
CA GLN C 254 5.81 7.71 -28.96
C GLN C 254 4.37 8.16 -29.14
N TYR C 255 3.56 7.34 -29.79
CA TYR C 255 2.13 7.54 -29.70
C TYR C 255 1.41 6.22 -29.53
N MET C 256 0.80 6.08 -28.35
CA MET C 256 0.31 4.82 -27.83
C MET C 256 -1.12 4.45 -28.31
N ILE C 257 -1.31 3.21 -28.75
CA ILE C 257 -2.62 2.73 -29.18
C ILE C 257 -3.46 2.24 -27.99
N ARG C 258 -4.19 3.16 -27.40
CA ARG C 258 -5.10 2.86 -26.30
C ARG C 258 -6.52 2.75 -26.84
N ASN C 259 -7.45 2.26 -26.02
CA ASN C 259 -8.82 1.96 -26.44
C ASN C 259 -9.72 1.39 -25.34
N GLU C 260 -10.96 1.83 -25.29
CA GLU C 260 -11.97 1.23 -24.41
C GLU C 260 -13.15 0.75 -25.22
N ASP C 261 -13.71 -0.40 -24.83
CA ASP C 261 -14.80 -1.08 -25.57
C ASP C 261 -14.76 -0.88 -27.09
N GLY C 262 -13.56 -1.05 -27.66
CA GLY C 262 -13.34 -1.04 -29.11
C GLY C 262 -13.55 0.27 -29.84
N GLN C 263 -12.55 1.14 -29.79
CA GLN C 263 -12.61 2.45 -30.45
C GLN C 263 -11.25 3.05 -30.79
N ILE C 264 -11.26 3.93 -31.79
CA ILE C 264 -10.07 4.65 -32.26
C ILE C 264 -9.55 5.65 -31.22
N CYS C 265 -8.84 5.14 -30.23
CA CYS C 265 -8.16 6.01 -29.27
C CYS C 265 -6.63 6.03 -29.40
N PHE C 266 -6.08 7.18 -29.06
CA PHE C 266 -4.68 7.48 -29.29
C PHE C 266 -4.30 8.61 -28.34
N VAL C 267 -3.15 8.51 -27.68
CA VAL C 267 -2.45 9.70 -27.23
C VAL C 267 -0.99 9.71 -27.73
N GLU C 268 -0.26 10.78 -27.46
CA GLU C 268 0.87 11.15 -28.29
C GLU C 268 1.95 11.94 -27.57
N TYR C 269 3.05 11.28 -27.22
CA TYR C 269 4.17 11.99 -26.65
C TYR C 269 5.23 12.23 -27.70
N TYR C 270 5.32 13.47 -28.16
CA TYR C 270 6.51 13.95 -28.82
C TYR C 270 7.47 14.32 -27.71
N CYS C 271 8.76 14.04 -27.91
CA CYS C 271 9.81 14.44 -26.97
C CYS C 271 11.12 14.61 -27.75
N CYS C 272 11.99 15.56 -27.37
CA CYS C 272 13.17 15.87 -28.21
C CYS C 272 14.57 16.34 -27.70
N PRO C 273 14.99 16.15 -26.44
CA PRO C 273 16.22 16.83 -26.04
C PRO C 273 17.50 16.05 -26.32
N ASP C 274 18.65 16.66 -26.05
CA ASP C 274 19.93 15.98 -26.13
C ASP C 274 20.27 15.40 -24.76
N GLU C 275 21.28 15.98 -24.13
CA GLU C 275 21.72 15.67 -22.77
C GLU C 275 21.17 16.73 -21.78
N GLU C 276 21.90 16.94 -20.68
CA GLU C 276 21.77 18.12 -19.80
C GLU C 276 23.04 18.37 -19.00
#